data_2JUJ
#
_entry.id   2JUJ
#
_entity_poly.entity_id   1
_entity_poly.type   'polypeptide(L)'
_entity_poly.pdbx_seq_one_letter_code
;ATASPQLSSEIENLMSQGYSYQDIQKALVIAQNNIEMAKNILREFVSISSPAHVAT
;
_entity_poly.pdbx_strand_id   A
#
# COMPACT_ATOMS: atom_id res chain seq x y z
N ALA A 1 -2.06 -18.50 -3.30
CA ALA A 1 -2.87 -18.82 -4.49
C ALA A 1 -4.07 -17.90 -4.58
N THR A 2 -4.86 -18.05 -5.64
CA THR A 2 -6.07 -17.25 -5.89
C THR A 2 -5.80 -15.74 -5.77
N ALA A 3 -5.47 -15.13 -6.90
CA ALA A 3 -5.25 -13.69 -6.94
C ALA A 3 -6.55 -12.93 -6.76
N SER A 4 -6.92 -12.72 -5.51
CA SER A 4 -8.13 -12.03 -5.17
C SER A 4 -8.07 -10.56 -5.55
N PRO A 5 -9.07 -10.08 -6.31
CA PRO A 5 -9.11 -8.72 -6.82
C PRO A 5 -9.33 -7.68 -5.73
N GLN A 6 -10.02 -8.07 -4.66
CA GLN A 6 -10.38 -7.13 -3.60
C GLN A 6 -9.20 -6.85 -2.69
N LEU A 7 -8.44 -7.89 -2.39
CA LEU A 7 -7.25 -7.77 -1.57
C LEU A 7 -6.21 -6.94 -2.34
N SER A 8 -6.11 -7.22 -3.62
CA SER A 8 -5.24 -6.45 -4.49
C SER A 8 -5.75 -5.02 -4.62
N SER A 9 -7.07 -4.86 -4.56
CA SER A 9 -7.71 -3.55 -4.52
C SER A 9 -7.32 -2.79 -3.27
N GLU A 10 -7.04 -3.51 -2.18
CA GLU A 10 -6.60 -2.89 -0.94
C GLU A 10 -5.29 -2.15 -1.18
N ILE A 11 -4.38 -2.82 -1.88
CA ILE A 11 -3.15 -2.18 -2.33
C ILE A 11 -3.46 -0.93 -3.11
N GLU A 12 -4.37 -1.07 -4.08
CA GLU A 12 -4.77 0.04 -4.92
C GLU A 12 -5.33 1.20 -4.09
N ASN A 13 -5.89 0.88 -2.93
CA ASN A 13 -6.46 1.87 -2.03
C ASN A 13 -5.40 2.86 -1.54
N LEU A 14 -4.29 2.36 -1.01
CA LEU A 14 -3.24 3.25 -0.55
C LEU A 14 -2.35 3.67 -1.72
N MET A 15 -2.33 2.83 -2.76
CA MET A 15 -1.66 3.14 -4.02
C MET A 15 -2.17 4.46 -4.58
N SER A 16 -3.49 4.61 -4.55
CA SER A 16 -4.16 5.80 -5.07
C SER A 16 -3.72 7.04 -4.29
N GLN A 17 -3.23 6.84 -3.08
CA GLN A 17 -2.80 7.93 -2.23
C GLN A 17 -1.38 8.35 -2.58
N GLY A 18 -0.71 7.53 -3.39
CA GLY A 18 0.62 7.88 -3.83
C GLY A 18 1.69 6.94 -3.32
N TYR A 19 1.31 6.07 -2.38
CA TYR A 19 2.25 5.16 -1.74
C TYR A 19 3.00 4.30 -2.76
N SER A 20 4.20 3.88 -2.39
CA SER A 20 5.09 3.22 -3.32
C SER A 20 5.01 1.71 -3.22
N TYR A 21 4.91 1.07 -4.39
CA TYR A 21 4.67 -0.37 -4.50
C TYR A 21 5.81 -1.20 -3.91
N GLN A 22 7.01 -0.64 -3.90
CA GLN A 22 8.16 -1.30 -3.28
C GLN A 22 7.90 -1.55 -1.80
N ASP A 23 7.44 -0.51 -1.11
CA ASP A 23 7.15 -0.60 0.31
C ASP A 23 5.81 -1.25 0.54
N ILE A 24 4.92 -1.15 -0.45
CA ILE A 24 3.62 -1.82 -0.40
C ILE A 24 3.80 -3.32 -0.29
N GLN A 25 4.63 -3.88 -1.15
CA GLN A 25 4.92 -5.30 -1.11
C GLN A 25 5.61 -5.62 0.20
N LYS A 26 6.42 -4.68 0.68
CA LYS A 26 7.09 -4.80 1.97
C LYS A 26 6.06 -4.90 3.09
N ALA A 27 5.07 -4.03 3.04
CA ALA A 27 3.97 -4.06 4.00
C ALA A 27 3.27 -5.40 3.99
N LEU A 28 3.08 -5.96 2.81
CA LEU A 28 2.40 -7.23 2.66
C LEU A 28 3.15 -8.37 3.33
N VAL A 29 4.48 -8.33 3.28
CA VAL A 29 5.27 -9.42 3.86
C VAL A 29 5.17 -9.42 5.38
N ILE A 30 5.01 -8.24 5.98
CA ILE A 30 4.87 -8.15 7.42
C ILE A 30 3.40 -8.32 7.79
N ALA A 31 2.55 -7.86 6.90
CA ALA A 31 1.11 -7.92 7.11
C ALA A 31 0.53 -9.24 6.65
N GLN A 32 1.41 -10.19 6.29
CA GLN A 32 1.02 -11.47 5.70
C GLN A 32 -0.13 -11.27 4.70
N ASN A 33 0.13 -10.37 3.75
CA ASN A 33 -0.83 -9.91 2.74
C ASN A 33 -2.20 -9.56 3.34
N ASN A 34 -2.17 -8.81 4.44
CA ASN A 34 -3.41 -8.34 5.05
C ASN A 34 -3.97 -7.15 4.30
N ILE A 35 -5.23 -6.86 4.55
CA ILE A 35 -5.87 -5.70 3.98
C ILE A 35 -5.37 -4.43 4.67
N GLU A 36 -5.78 -4.24 5.90
CA GLU A 36 -5.49 -3.03 6.63
C GLU A 36 -4.05 -3.04 7.17
N MET A 37 -3.55 -4.21 7.58
CA MET A 37 -2.22 -4.28 8.17
C MET A 37 -1.14 -3.77 7.20
N ALA A 38 -1.35 -4.02 5.92
CA ALA A 38 -0.42 -3.55 4.90
C ALA A 38 -0.54 -2.05 4.68
N LYS A 39 -1.76 -1.58 4.44
CA LYS A 39 -2.00 -0.15 4.22
C LYS A 39 -1.61 0.66 5.47
N ASN A 40 -1.73 0.02 6.64
CA ASN A 40 -1.39 0.67 7.90
C ASN A 40 0.13 0.80 8.05
N ILE A 41 0.86 -0.21 7.61
CA ILE A 41 2.32 -0.18 7.69
C ILE A 41 2.90 0.90 6.80
N LEU A 42 2.33 1.08 5.61
CA LEU A 42 2.76 2.17 4.75
C LEU A 42 2.56 3.49 5.46
N ARG A 43 1.40 3.65 6.09
CA ARG A 43 1.08 4.82 6.88
C ARG A 43 2.12 5.04 7.98
N GLU A 44 2.47 3.96 8.67
CA GLU A 44 3.40 4.00 9.79
C GLU A 44 4.84 4.22 9.35
N PHE A 45 5.21 3.59 8.25
CA PHE A 45 6.60 3.54 7.81
C PHE A 45 6.89 4.53 6.68
N VAL A 46 6.60 4.09 5.47
CA VAL A 46 6.97 4.80 4.25
C VAL A 46 6.14 6.07 4.07
N SER A 47 6.74 7.08 3.46
CA SER A 47 6.05 8.35 3.26
C SER A 47 5.88 8.65 1.77
N ILE A 48 5.05 9.65 1.47
CA ILE A 48 4.75 10.01 0.11
C ILE A 48 5.26 11.41 -0.24
N SER A 49 5.91 11.51 -1.38
CA SER A 49 6.43 12.79 -1.86
C SER A 49 5.38 13.51 -2.70
N SER A 50 4.33 12.78 -3.09
CA SER A 50 3.27 13.33 -3.92
C SER A 50 2.57 14.50 -3.23
N PRO A 51 2.41 15.62 -3.94
CA PRO A 51 1.82 16.83 -3.39
C PRO A 51 0.29 16.81 -3.36
N ALA A 52 -0.28 17.27 -2.25
CA ALA A 52 -1.72 17.41 -2.08
C ALA A 52 -2.43 16.06 -2.17
N HIS A 53 -2.56 15.39 -1.04
CA HIS A 53 -3.23 14.10 -0.99
C HIS A 53 -4.72 14.28 -0.78
N VAL A 54 -5.09 14.98 0.29
CA VAL A 54 -6.49 15.18 0.64
C VAL A 54 -7.07 16.41 -0.06
N ALA A 55 -6.57 16.69 -1.27
CA ALA A 55 -7.00 17.85 -2.03
C ALA A 55 -8.27 17.53 -2.83
N THR A 56 -9.02 16.56 -2.35
CA THR A 56 -10.29 16.17 -2.95
C THR A 56 -11.19 15.56 -1.88
N ALA A 1 2.49 -10.00 -6.94
CA ALA A 1 1.53 -11.04 -7.38
C ALA A 1 0.34 -11.06 -6.45
N THR A 2 -0.72 -11.75 -6.86
CA THR A 2 -1.93 -11.85 -6.06
C THR A 2 -2.93 -12.80 -6.70
N ALA A 3 -3.58 -13.60 -5.88
CA ALA A 3 -4.63 -14.48 -6.33
C ALA A 3 -6.00 -13.86 -6.08
N SER A 4 -6.07 -12.98 -5.09
CA SER A 4 -7.32 -12.34 -4.72
C SER A 4 -7.40 -10.93 -5.32
N PRO A 5 -8.49 -10.65 -6.04
CA PRO A 5 -8.72 -9.35 -6.67
C PRO A 5 -8.97 -8.23 -5.66
N GLN A 6 -9.59 -8.59 -4.55
CA GLN A 6 -9.96 -7.63 -3.52
C GLN A 6 -8.72 -7.19 -2.74
N LEU A 7 -7.80 -8.13 -2.60
CA LEU A 7 -6.53 -7.87 -1.93
C LEU A 7 -5.69 -6.97 -2.81
N SER A 8 -5.65 -7.30 -4.08
CA SER A 8 -5.00 -6.47 -5.07
C SER A 8 -5.63 -5.09 -5.10
N SER A 9 -6.92 -5.06 -4.80
CA SER A 9 -7.69 -3.82 -4.79
C SER A 9 -7.41 -3.00 -3.53
N GLU A 10 -7.10 -3.66 -2.41
CA GLU A 10 -6.82 -2.91 -1.19
C GLU A 10 -5.55 -2.11 -1.39
N ILE A 11 -4.59 -2.73 -2.07
CA ILE A 11 -3.37 -2.06 -2.45
C ILE A 11 -3.67 -0.82 -3.27
N GLU A 12 -4.49 -0.99 -4.29
CA GLU A 12 -4.86 0.12 -5.16
C GLU A 12 -5.52 1.24 -4.36
N ASN A 13 -6.12 0.88 -3.23
CA ASN A 13 -6.78 1.86 -2.37
C ASN A 13 -5.78 2.85 -1.78
N LEU A 14 -4.67 2.36 -1.21
CA LEU A 14 -3.66 3.29 -0.68
C LEU A 14 -2.75 3.78 -1.81
N MET A 15 -2.67 2.97 -2.87
CA MET A 15 -1.87 3.30 -4.04
C MET A 15 -2.23 4.67 -4.62
N SER A 16 -3.54 4.94 -4.68
CA SER A 16 -4.04 6.19 -5.25
C SER A 16 -3.60 7.41 -4.44
N GLN A 17 -3.08 7.19 -3.24
CA GLN A 17 -2.56 8.29 -2.43
C GLN A 17 -1.19 8.72 -2.94
N GLY A 18 -0.59 7.88 -3.76
CA GLY A 18 0.72 8.16 -4.29
C GLY A 18 1.77 7.25 -3.71
N TYR A 19 1.35 6.32 -2.86
CA TYR A 19 2.27 5.40 -2.20
C TYR A 19 3.00 4.53 -3.22
N SER A 20 4.06 3.88 -2.77
CA SER A 20 4.92 3.13 -3.67
C SER A 20 4.82 1.63 -3.44
N TYR A 21 4.65 0.90 -4.54
CA TYR A 21 4.37 -0.54 -4.50
C TYR A 21 5.51 -1.34 -3.88
N GLN A 22 6.72 -0.79 -3.91
CA GLN A 22 7.86 -1.45 -3.28
C GLN A 22 7.64 -1.64 -1.78
N ASP A 23 7.31 -0.56 -1.10
CA ASP A 23 7.07 -0.60 0.34
C ASP A 23 5.67 -1.13 0.64
N ILE A 24 4.76 -0.97 -0.33
CA ILE A 24 3.45 -1.59 -0.24
C ILE A 24 3.58 -3.09 -0.16
N GLN A 25 4.38 -3.65 -1.06
CA GLN A 25 4.66 -5.08 -1.08
C GLN A 25 5.38 -5.47 0.20
N LYS A 26 6.24 -4.57 0.67
CA LYS A 26 6.95 -4.73 1.93
C LYS A 26 5.96 -4.87 3.08
N ALA A 27 5.00 -3.98 3.12
CA ALA A 27 3.95 -3.99 4.12
C ALA A 27 3.22 -5.34 4.13
N LEU A 28 2.97 -5.86 2.94
CA LEU A 28 2.25 -7.12 2.80
C LEU A 28 3.01 -8.29 3.43
N VAL A 29 4.33 -8.31 3.28
CA VAL A 29 5.11 -9.44 3.76
C VAL A 29 5.11 -9.51 5.29
N ILE A 30 5.01 -8.36 5.94
CA ILE A 30 4.93 -8.32 7.40
C ILE A 30 3.49 -8.47 7.83
N ALA A 31 2.59 -8.02 6.97
CA ALA A 31 1.17 -8.02 7.27
C ALA A 31 0.49 -9.30 6.84
N GLN A 32 1.29 -10.32 6.46
CA GLN A 32 0.75 -11.58 5.90
C GLN A 32 -0.35 -11.28 4.86
N ASN A 33 -0.03 -10.30 4.00
CA ASN A 33 -0.95 -9.74 2.99
C ASN A 33 -2.31 -9.37 3.59
N ASN A 34 -2.29 -8.81 4.79
CA ASN A 34 -3.47 -8.21 5.41
C ASN A 34 -3.75 -6.87 4.78
N ILE A 35 -4.99 -6.67 4.39
CA ILE A 35 -5.45 -5.42 3.83
C ILE A 35 -5.17 -4.28 4.79
N GLU A 36 -5.68 -4.47 6.00
CA GLU A 36 -5.60 -3.48 7.05
C GLU A 36 -4.17 -3.26 7.54
N MET A 37 -3.44 -4.35 7.75
CA MET A 37 -2.12 -4.26 8.36
C MET A 37 -1.10 -3.68 7.39
N ALA A 38 -1.26 -3.97 6.11
CA ALA A 38 -0.35 -3.46 5.09
C ALA A 38 -0.45 -1.95 4.92
N LYS A 39 -1.66 -1.45 4.71
CA LYS A 39 -1.87 -0.03 4.55
C LYS A 39 -1.51 0.72 5.84
N ASN A 40 -1.68 0.03 6.97
CA ASN A 40 -1.29 0.58 8.26
C ASN A 40 0.22 0.65 8.36
N ILE A 41 0.90 -0.34 7.80
CA ILE A 41 2.36 -0.38 7.83
C ILE A 41 2.97 0.73 7.00
N LEU A 42 2.38 1.03 5.83
CA LEU A 42 2.87 2.18 5.06
C LEU A 42 2.74 3.44 5.90
N ARG A 43 1.60 3.60 6.55
CA ARG A 43 1.35 4.71 7.46
C ARG A 43 2.45 4.78 8.52
N GLU A 44 2.82 3.61 9.04
CA GLU A 44 3.89 3.49 10.03
C GLU A 44 5.26 3.78 9.42
N PHE A 45 5.47 3.29 8.21
CA PHE A 45 6.80 3.25 7.60
C PHE A 45 7.04 4.39 6.62
N VAL A 46 6.42 4.25 5.46
CA VAL A 46 6.76 5.01 4.29
C VAL A 46 5.83 6.20 4.07
N SER A 47 6.42 7.31 3.62
CA SER A 47 5.67 8.50 3.31
C SER A 47 5.76 8.78 1.82
N ILE A 48 4.98 9.74 1.35
CA ILE A 48 4.89 10.00 -0.07
C ILE A 48 5.71 11.23 -0.45
N SER A 49 6.77 10.98 -1.21
CA SER A 49 7.66 12.04 -1.65
C SER A 49 8.34 11.63 -2.97
N SER A 50 7.60 10.89 -3.78
CA SER A 50 8.13 10.40 -5.04
C SER A 50 7.31 10.94 -6.22
N PRO A 51 7.97 11.42 -7.26
CA PRO A 51 7.31 11.93 -8.46
C PRO A 51 6.79 10.79 -9.34
N ALA A 52 6.32 11.13 -10.54
CA ALA A 52 5.80 10.12 -11.46
C ALA A 52 6.92 9.22 -11.97
N HIS A 53 8.11 9.79 -12.12
CA HIS A 53 9.27 9.05 -12.62
C HIS A 53 9.94 8.27 -11.49
N VAL A 54 11.26 8.09 -11.61
CA VAL A 54 12.04 7.30 -10.67
C VAL A 54 11.72 5.83 -10.83
N ALA A 55 12.25 5.22 -11.88
CA ALA A 55 12.01 3.82 -12.17
C ALA A 55 13.22 2.97 -11.82
N THR A 56 13.03 1.66 -11.73
CA THR A 56 14.10 0.75 -11.40
C THR A 56 13.83 -0.63 -12.03
N ALA A 1 -17.91 -15.08 -12.95
CA ALA A 1 -17.27 -14.13 -12.01
C ALA A 1 -17.06 -14.80 -10.66
N THR A 2 -15.90 -15.43 -10.49
CA THR A 2 -15.60 -16.14 -9.27
C THR A 2 -15.31 -15.17 -8.13
N ALA A 3 -14.29 -14.35 -8.31
CA ALA A 3 -13.89 -13.40 -7.28
C ALA A 3 -13.04 -12.29 -7.89
N SER A 4 -13.33 -11.07 -7.51
CA SER A 4 -12.58 -9.92 -7.98
C SER A 4 -11.43 -9.62 -7.01
N PRO A 5 -10.23 -9.34 -7.55
CA PRO A 5 -9.04 -8.90 -6.80
C PRO A 5 -9.36 -7.80 -5.81
N GLN A 6 -9.79 -8.23 -4.64
CA GLN A 6 -10.19 -7.34 -3.56
C GLN A 6 -8.99 -6.96 -2.71
N LEU A 7 -8.20 -7.95 -2.34
CA LEU A 7 -7.02 -7.74 -1.52
C LEU A 7 -6.03 -6.88 -2.31
N SER A 8 -5.84 -7.22 -3.57
CA SER A 8 -5.00 -6.45 -4.46
C SER A 8 -5.61 -5.07 -4.69
N SER A 9 -6.93 -4.97 -4.51
CA SER A 9 -7.63 -3.70 -4.60
C SER A 9 -7.32 -2.83 -3.38
N GLU A 10 -7.09 -3.48 -2.25
CA GLU A 10 -6.70 -2.78 -1.03
C GLU A 10 -5.39 -2.05 -1.27
N ILE A 11 -4.46 -2.74 -1.90
CA ILE A 11 -3.21 -2.17 -2.35
C ILE A 11 -3.46 -0.90 -3.16
N GLU A 12 -4.36 -1.02 -4.13
CA GLU A 12 -4.68 0.09 -5.01
C GLU A 12 -5.26 1.27 -4.23
N ASN A 13 -5.85 0.98 -3.06
CA ASN A 13 -6.46 2.03 -2.24
C ASN A 13 -5.40 2.97 -1.67
N LEU A 14 -4.34 2.43 -1.06
CA LEU A 14 -3.28 3.28 -0.53
C LEU A 14 -2.40 3.76 -1.68
N MET A 15 -2.39 2.99 -2.76
CA MET A 15 -1.78 3.40 -4.01
C MET A 15 -2.36 4.72 -4.50
N SER A 16 -3.67 4.88 -4.31
CA SER A 16 -4.38 6.09 -4.72
C SER A 16 -3.96 7.28 -3.84
N GLN A 17 -3.24 7.00 -2.76
CA GLN A 17 -2.70 8.04 -1.91
C GLN A 17 -1.31 8.46 -2.42
N GLY A 18 -0.74 7.63 -3.28
CA GLY A 18 0.54 7.95 -3.88
C GLY A 18 1.63 6.99 -3.47
N TYR A 19 1.32 6.11 -2.51
CA TYR A 19 2.31 5.20 -1.94
C TYR A 19 2.99 4.34 -2.98
N SER A 20 4.18 3.86 -2.64
CA SER A 20 5.03 3.14 -3.59
C SER A 20 4.92 1.62 -3.41
N TYR A 21 4.84 0.91 -4.54
CA TYR A 21 4.66 -0.54 -4.57
C TYR A 21 5.79 -1.27 -3.85
N GLN A 22 7.00 -0.71 -3.93
CA GLN A 22 8.17 -1.30 -3.27
C GLN A 22 7.91 -1.51 -1.79
N ASP A 23 7.45 -0.46 -1.11
CA ASP A 23 7.16 -0.56 0.31
C ASP A 23 5.80 -1.22 0.52
N ILE A 24 4.91 -1.09 -0.46
CA ILE A 24 3.61 -1.78 -0.40
C ILE A 24 3.81 -3.28 -0.24
N GLN A 25 4.68 -3.85 -1.06
CA GLN A 25 5.00 -5.26 -0.96
C GLN A 25 5.64 -5.53 0.39
N LYS A 26 6.47 -4.59 0.84
CA LYS A 26 7.11 -4.67 2.14
C LYS A 26 6.06 -4.78 3.24
N ALA A 27 5.04 -3.95 3.14
CA ALA A 27 3.93 -3.96 4.08
C ALA A 27 3.24 -5.32 4.08
N LEU A 28 3.07 -5.89 2.90
CA LEU A 28 2.39 -7.17 2.76
C LEU A 28 3.16 -8.29 3.44
N VAL A 29 4.48 -8.26 3.34
CA VAL A 29 5.30 -9.34 3.90
C VAL A 29 5.21 -9.38 5.42
N ILE A 30 5.04 -8.21 6.04
CA ILE A 30 4.92 -8.13 7.48
C ILE A 30 3.45 -8.32 7.86
N ALA A 31 2.57 -7.88 6.97
CA ALA A 31 1.14 -7.94 7.20
C ALA A 31 0.55 -9.25 6.75
N GLN A 32 1.40 -10.22 6.39
CA GLN A 32 0.92 -11.51 5.81
C GLN A 32 -0.19 -11.26 4.79
N ASN A 33 0.10 -10.32 3.88
CA ASN A 33 -0.85 -9.82 2.87
C ASN A 33 -2.22 -9.48 3.46
N ASN A 34 -2.23 -8.90 4.65
CA ASN A 34 -3.46 -8.44 5.28
C ASN A 34 -4.01 -7.21 4.60
N ILE A 35 -5.30 -6.99 4.74
CA ILE A 35 -5.95 -5.85 4.13
C ILE A 35 -5.48 -4.55 4.78
N GLU A 36 -5.86 -4.36 6.03
CA GLU A 36 -5.60 -3.12 6.73
C GLU A 36 -4.14 -3.03 7.18
N MET A 37 -3.55 -4.14 7.59
CA MET A 37 -2.21 -4.10 8.15
C MET A 37 -1.21 -3.60 7.11
N ALA A 38 -1.39 -4.01 5.87
CA ALA A 38 -0.51 -3.58 4.79
C ALA A 38 -0.66 -2.09 4.49
N LYS A 39 -1.89 -1.65 4.27
CA LYS A 39 -2.16 -0.24 3.99
C LYS A 39 -1.72 0.64 5.16
N ASN A 40 -1.83 0.08 6.36
CA ASN A 40 -1.49 0.80 7.58
C ASN A 40 0.01 0.79 7.84
N ILE A 41 0.69 -0.26 7.39
CA ILE A 41 2.13 -0.33 7.53
C ILE A 41 2.82 0.73 6.71
N LEU A 42 2.34 1.00 5.50
CA LEU A 42 2.92 2.10 4.72
C LEU A 42 2.72 3.41 5.48
N ARG A 43 1.50 3.61 5.95
CA ARG A 43 1.15 4.74 6.81
C ARG A 43 2.17 4.92 7.94
N GLU A 44 2.55 3.82 8.54
CA GLU A 44 3.53 3.81 9.63
C GLU A 44 4.96 3.92 9.12
N PHE A 45 5.29 3.15 8.09
CA PHE A 45 6.66 2.94 7.64
C PHE A 45 7.13 4.06 6.72
N VAL A 46 6.48 4.15 5.59
CA VAL A 46 6.96 4.92 4.46
C VAL A 46 6.16 6.20 4.23
N SER A 47 6.85 7.23 3.78
CA SER A 47 6.21 8.47 3.43
C SER A 47 6.35 8.71 1.94
N ILE A 48 5.34 9.32 1.36
CA ILE A 48 5.28 9.47 -0.08
C ILE A 48 5.98 10.75 -0.53
N SER A 49 6.88 10.60 -1.48
CA SER A 49 7.62 11.73 -2.03
C SER A 49 6.88 12.34 -3.21
N SER A 50 6.09 11.52 -3.87
CA SER A 50 5.31 11.96 -5.02
C SER A 50 3.98 12.53 -4.56
N PRO A 51 3.63 13.73 -5.04
CA PRO A 51 2.39 14.40 -4.65
C PRO A 51 1.17 13.85 -5.37
N ALA A 52 0.14 13.51 -4.59
CA ALA A 52 -1.14 13.11 -5.15
C ALA A 52 -1.87 14.34 -5.68
N HIS A 53 -2.88 14.11 -6.52
CA HIS A 53 -3.62 15.18 -7.20
C HIS A 53 -2.81 15.75 -8.35
N VAL A 54 -3.47 15.96 -9.48
CA VAL A 54 -2.84 16.51 -10.65
C VAL A 54 -2.75 18.04 -10.51
N ALA A 55 -3.62 18.58 -9.69
CA ALA A 55 -3.64 20.01 -9.41
C ALA A 55 -2.77 20.32 -8.20
N THR A 56 -2.01 21.39 -8.29
CA THR A 56 -1.13 21.80 -7.20
C THR A 56 -1.24 23.31 -6.99
N ALA A 1 -1.92 -8.64 -8.51
CA ALA A 1 -1.86 -10.01 -7.94
C ALA A 1 -2.85 -10.92 -8.66
N THR A 2 -2.47 -12.18 -8.85
CA THR A 2 -3.30 -13.14 -9.55
C THR A 2 -4.24 -13.86 -8.58
N ALA A 3 -4.12 -13.51 -7.30
CA ALA A 3 -5.01 -14.05 -6.27
C ALA A 3 -6.34 -13.33 -6.30
N SER A 4 -7.03 -13.27 -5.17
CA SER A 4 -8.31 -12.58 -5.08
C SER A 4 -8.14 -11.11 -5.50
N PRO A 5 -8.98 -10.67 -6.46
CA PRO A 5 -8.83 -9.38 -7.14
C PRO A 5 -8.98 -8.18 -6.21
N GLN A 6 -9.85 -8.30 -5.22
CA GLN A 6 -10.17 -7.18 -4.36
C GLN A 6 -9.09 -6.94 -3.33
N LEU A 7 -8.42 -8.01 -2.96
CA LEU A 7 -7.25 -7.92 -2.09
C LEU A 7 -6.18 -7.13 -2.83
N SER A 8 -5.97 -7.50 -4.08
CA SER A 8 -5.05 -6.81 -4.96
C SER A 8 -5.53 -5.38 -5.20
N SER A 9 -6.84 -5.22 -5.32
CA SER A 9 -7.49 -3.92 -5.43
C SER A 9 -7.32 -3.10 -4.15
N GLU A 10 -7.18 -3.78 -3.02
CA GLU A 10 -7.01 -3.12 -1.75
C GLU A 10 -5.67 -2.38 -1.74
N ILE A 11 -4.63 -3.05 -2.23
CA ILE A 11 -3.35 -2.41 -2.48
C ILE A 11 -3.54 -1.15 -3.32
N GLU A 12 -4.37 -1.26 -4.33
CA GLU A 12 -4.66 -0.14 -5.22
C GLU A 12 -5.34 1.01 -4.47
N ASN A 13 -6.00 0.71 -3.37
CA ASN A 13 -6.69 1.74 -2.60
C ASN A 13 -5.70 2.67 -1.90
N LEU A 14 -4.72 2.13 -1.17
CA LEU A 14 -3.73 3.00 -0.56
C LEU A 14 -2.80 3.56 -1.64
N MET A 15 -2.71 2.83 -2.74
CA MET A 15 -1.96 3.24 -3.92
C MET A 15 -2.45 4.58 -4.44
N SER A 16 -3.75 4.82 -4.30
CA SER A 16 -4.37 6.05 -4.77
C SER A 16 -3.88 7.24 -3.95
N GLN A 17 -3.23 6.97 -2.81
CA GLN A 17 -2.71 8.03 -1.97
C GLN A 17 -1.33 8.46 -2.44
N GLY A 18 -0.75 7.67 -3.32
CA GLY A 18 0.57 7.99 -3.84
C GLY A 18 1.63 7.03 -3.36
N TYR A 19 1.23 6.11 -2.49
CA TYR A 19 2.15 5.19 -1.85
C TYR A 19 2.94 4.35 -2.86
N SER A 20 4.08 3.84 -2.43
CA SER A 20 4.99 3.10 -3.30
C SER A 20 4.77 1.60 -3.19
N TYR A 21 4.73 0.96 -4.36
CA TYR A 21 4.46 -0.47 -4.44
C TYR A 21 5.58 -1.28 -3.80
N GLN A 22 6.79 -0.71 -3.80
CA GLN A 22 7.94 -1.38 -3.20
C GLN A 22 7.71 -1.56 -1.71
N ASP A 23 7.24 -0.50 -1.08
CA ASP A 23 6.96 -0.51 0.34
C ASP A 23 5.60 -1.14 0.61
N ILE A 24 4.70 -1.03 -0.36
CA ILE A 24 3.40 -1.71 -0.29
C ILE A 24 3.60 -3.21 -0.14
N GLN A 25 4.47 -3.77 -0.98
CA GLN A 25 4.79 -5.18 -0.90
C GLN A 25 5.46 -5.46 0.43
N LYS A 26 6.34 -4.53 0.84
CA LYS A 26 7.01 -4.60 2.13
C LYS A 26 5.99 -4.75 3.25
N ALA A 27 4.97 -3.93 3.20
CA ALA A 27 3.89 -3.97 4.16
C ALA A 27 3.19 -5.33 4.15
N LEU A 28 2.97 -5.87 2.96
CA LEU A 28 2.27 -7.14 2.82
C LEU A 28 3.06 -8.29 3.44
N VAL A 29 4.39 -8.24 3.31
CA VAL A 29 5.22 -9.32 3.83
C VAL A 29 5.17 -9.39 5.35
N ILE A 30 4.99 -8.23 6.00
CA ILE A 30 4.79 -8.20 7.45
C ILE A 30 3.33 -8.41 7.77
N ALA A 31 2.46 -7.92 6.89
CA ALA A 31 1.03 -7.99 7.09
C ALA A 31 0.45 -9.33 6.67
N GLN A 32 1.30 -10.27 6.27
CA GLN A 32 0.89 -11.54 5.67
C GLN A 32 -0.26 -11.32 4.67
N ASN A 33 -0.09 -10.28 3.85
CA ASN A 33 -1.09 -9.81 2.90
C ASN A 33 -2.41 -9.46 3.58
N ASN A 34 -2.32 -8.67 4.64
CA ASN A 34 -3.52 -8.15 5.30
C ASN A 34 -4.00 -6.91 4.57
N ILE A 35 -5.23 -6.53 4.84
CA ILE A 35 -5.78 -5.33 4.27
C ILE A 35 -5.26 -4.12 5.04
N GLU A 36 -5.63 -4.06 6.31
CA GLU A 36 -5.31 -2.93 7.14
C GLU A 36 -3.86 -2.94 7.60
N MET A 37 -3.30 -4.12 7.88
CA MET A 37 -1.95 -4.22 8.41
C MET A 37 -0.92 -3.69 7.41
N ALA A 38 -1.22 -3.81 6.12
CA ALA A 38 -0.34 -3.32 5.07
C ALA A 38 -0.42 -1.81 4.91
N LYS A 39 -1.64 -1.30 4.76
CA LYS A 39 -1.86 0.15 4.63
C LYS A 39 -1.37 0.88 5.87
N ASN A 40 -1.44 0.20 7.01
CA ASN A 40 -1.00 0.77 8.28
C ASN A 40 0.53 0.81 8.36
N ILE A 41 1.17 -0.21 7.81
CA ILE A 41 2.62 -0.25 7.78
C ILE A 41 3.18 0.84 6.88
N LEU A 42 2.51 1.10 5.75
CA LEU A 42 2.94 2.20 4.90
C LEU A 42 2.88 3.50 5.70
N ARG A 43 1.76 3.73 6.37
CA ARG A 43 1.57 4.90 7.22
C ARG A 43 2.73 5.01 8.23
N GLU A 44 3.07 3.89 8.86
CA GLU A 44 4.13 3.85 9.87
C GLU A 44 5.51 4.05 9.26
N PHE A 45 5.73 3.40 8.13
CA PHE A 45 7.03 3.30 7.51
C PHE A 45 7.28 4.40 6.48
N VAL A 46 6.62 4.26 5.35
CA VAL A 46 6.89 5.04 4.17
C VAL A 46 5.95 6.24 4.04
N SER A 47 6.51 7.37 3.62
CA SER A 47 5.74 8.57 3.47
C SER A 47 5.67 8.98 2.01
N ILE A 48 4.67 9.79 1.68
CA ILE A 48 4.41 10.17 0.31
C ILE A 48 4.78 11.62 0.05
N SER A 49 4.62 12.03 -1.20
CA SER A 49 4.82 13.42 -1.60
C SER A 49 3.54 14.20 -1.38
N SER A 50 2.57 13.52 -0.78
CA SER A 50 1.27 14.10 -0.49
C SER A 50 1.37 15.06 0.69
N PRO A 51 0.78 16.27 0.55
CA PRO A 51 0.86 17.33 1.56
C PRO A 51 0.10 16.98 2.85
N ALA A 52 -0.07 17.98 3.72
CA ALA A 52 -0.64 17.81 5.05
C ALA A 52 0.37 17.15 5.99
N HIS A 53 0.85 15.98 5.60
CA HIS A 53 1.89 15.28 6.34
C HIS A 53 3.24 15.55 5.68
N VAL A 54 3.82 16.71 6.00
CA VAL A 54 5.10 17.07 5.40
C VAL A 54 6.26 16.57 6.26
N ALA A 55 6.13 16.72 7.57
CA ALA A 55 7.14 16.27 8.52
C ALA A 55 6.63 16.41 9.95
N THR A 56 6.70 15.33 10.71
CA THR A 56 6.26 15.35 12.09
C THR A 56 7.46 15.35 13.03
N ALA A 1 -6.56 -16.08 -9.92
CA ALA A 1 -7.36 -15.34 -10.92
C ALA A 1 -6.50 -14.91 -12.09
N THR A 2 -7.13 -14.50 -13.18
CA THR A 2 -6.42 -14.02 -14.36
C THR A 2 -5.85 -12.63 -14.07
N ALA A 3 -6.66 -11.81 -13.42
CA ALA A 3 -6.25 -10.49 -13.00
C ALA A 3 -6.46 -10.35 -11.51
N SER A 4 -5.52 -9.72 -10.82
CA SER A 4 -5.60 -9.56 -9.38
C SER A 4 -6.85 -8.75 -9.01
N PRO A 5 -7.69 -9.33 -8.13
CA PRO A 5 -8.97 -8.74 -7.77
C PRO A 5 -8.95 -7.89 -6.49
N GLN A 6 -9.60 -8.37 -5.44
CA GLN A 6 -9.97 -7.55 -4.28
C GLN A 6 -8.79 -7.31 -3.35
N LEU A 7 -7.96 -8.31 -3.20
CA LEU A 7 -6.74 -8.17 -2.40
C LEU A 7 -5.88 -7.08 -3.00
N SER A 8 -5.79 -7.09 -4.32
CA SER A 8 -5.07 -6.08 -5.06
C SER A 8 -5.75 -4.73 -4.89
N SER A 9 -7.07 -4.76 -4.75
CA SER A 9 -7.87 -3.57 -4.51
C SER A 9 -7.52 -2.93 -3.17
N GLU A 10 -7.14 -3.73 -2.18
CA GLU A 10 -6.73 -3.20 -0.89
C GLU A 10 -5.47 -2.38 -1.09
N ILE A 11 -4.53 -3.00 -1.80
CA ILE A 11 -3.32 -2.34 -2.25
C ILE A 11 -3.67 -1.05 -2.99
N GLU A 12 -4.56 -1.17 -3.97
CA GLU A 12 -4.97 -0.02 -4.77
C GLU A 12 -5.53 1.11 -3.92
N ASN A 13 -6.09 0.77 -2.75
CA ASN A 13 -6.62 1.78 -1.84
C ASN A 13 -5.51 2.72 -1.38
N LEU A 14 -4.40 2.18 -0.91
CA LEU A 14 -3.31 3.06 -0.47
C LEU A 14 -2.45 3.48 -1.66
N MET A 15 -2.46 2.66 -2.70
CA MET A 15 -1.76 2.97 -3.95
C MET A 15 -2.29 4.26 -4.56
N SER A 16 -3.60 4.43 -4.48
CA SER A 16 -4.25 5.61 -5.05
C SER A 16 -3.83 6.88 -4.29
N GLN A 17 -3.28 6.69 -3.09
CA GLN A 17 -2.83 7.82 -2.29
C GLN A 17 -1.48 8.31 -2.75
N GLY A 18 -0.78 7.49 -3.51
CA GLY A 18 0.51 7.89 -4.05
C GLY A 18 1.64 7.06 -3.48
N TYR A 19 1.30 6.15 -2.57
CA TYR A 19 2.31 5.31 -1.94
C TYR A 19 3.09 4.47 -2.97
N SER A 20 4.19 3.88 -2.53
CA SER A 20 5.10 3.19 -3.44
C SER A 20 4.96 1.68 -3.32
N TYR A 21 4.87 1.00 -4.47
CA TYR A 21 4.53 -0.42 -4.50
C TYR A 21 5.58 -1.28 -3.84
N GLN A 22 6.82 -0.81 -3.86
CA GLN A 22 7.92 -1.55 -3.25
C GLN A 22 7.72 -1.72 -1.75
N ASP A 23 7.45 -0.62 -1.07
CA ASP A 23 7.18 -0.66 0.35
C ASP A 23 5.78 -1.19 0.61
N ILE A 24 4.91 -1.05 -0.37
CA ILE A 24 3.58 -1.63 -0.31
C ILE A 24 3.68 -3.15 -0.20
N GLN A 25 4.49 -3.73 -1.09
CA GLN A 25 4.74 -5.16 -1.04
C GLN A 25 5.46 -5.51 0.25
N LYS A 26 6.35 -4.62 0.67
CA LYS A 26 7.03 -4.75 1.96
C LYS A 26 6.02 -4.89 3.08
N ALA A 27 5.06 -3.97 3.09
CA ALA A 27 4.00 -3.98 4.08
C ALA A 27 3.24 -5.29 4.06
N LEU A 28 2.99 -5.82 2.88
CA LEU A 28 2.24 -7.06 2.73
C LEU A 28 2.97 -8.25 3.35
N VAL A 29 4.29 -8.28 3.22
CA VAL A 29 5.06 -9.42 3.71
C VAL A 29 5.06 -9.47 5.24
N ILE A 30 4.97 -8.30 5.87
CA ILE A 30 4.87 -8.25 7.32
C ILE A 30 3.42 -8.37 7.73
N ALA A 31 2.54 -7.95 6.83
CA ALA A 31 1.10 -7.93 7.11
C ALA A 31 0.42 -9.21 6.68
N GLN A 32 1.18 -10.24 6.34
CA GLN A 32 0.63 -11.49 5.81
C GLN A 32 -0.48 -11.21 4.78
N ASN A 33 -0.17 -10.28 3.87
CA ASN A 33 -1.09 -9.77 2.83
C ASN A 33 -2.44 -9.29 3.38
N ASN A 34 -2.42 -8.76 4.59
CA ASN A 34 -3.60 -8.17 5.20
C ASN A 34 -3.99 -6.87 4.53
N ILE A 35 -5.27 -6.56 4.53
CA ILE A 35 -5.77 -5.33 3.96
C ILE A 35 -5.28 -4.15 4.77
N GLU A 36 -5.65 -4.15 6.04
CA GLU A 36 -5.41 -3.04 6.93
C GLU A 36 -3.96 -2.93 7.36
N MET A 37 -3.33 -4.06 7.64
CA MET A 37 -1.99 -4.04 8.22
C MET A 37 -0.98 -3.51 7.20
N ALA A 38 -1.22 -3.79 5.92
CA ALA A 38 -0.36 -3.28 4.85
C ALA A 38 -0.49 -1.77 4.70
N LYS A 39 -1.73 -1.30 4.58
CA LYS A 39 -2.01 0.13 4.44
C LYS A 39 -1.56 0.88 5.70
N ASN A 40 -1.58 0.20 6.83
CA ASN A 40 -1.16 0.80 8.09
C ASN A 40 0.35 0.87 8.18
N ILE A 41 1.02 -0.18 7.72
CA ILE A 41 2.48 -0.22 7.78
C ILE A 41 3.09 0.86 6.92
N LEU A 42 2.52 1.15 5.76
CA LEU A 42 3.01 2.27 4.97
C LEU A 42 2.85 3.55 5.79
N ARG A 43 1.66 3.74 6.36
CA ARG A 43 1.37 4.88 7.21
C ARG A 43 2.41 5.00 8.32
N GLU A 44 2.78 3.86 8.90
CA GLU A 44 3.76 3.82 9.99
C GLU A 44 5.19 3.99 9.50
N PHE A 45 5.44 3.51 8.29
CA PHE A 45 6.80 3.44 7.75
C PHE A 45 7.06 4.49 6.68
N VAL A 46 6.61 4.20 5.48
CA VAL A 46 6.93 4.98 4.29
C VAL A 46 5.90 6.09 4.04
N SER A 47 6.40 7.27 3.73
CA SER A 47 5.54 8.40 3.48
C SER A 47 5.63 8.83 2.02
N ILE A 48 4.69 9.66 1.60
CA ILE A 48 4.58 10.07 0.22
C ILE A 48 5.21 11.44 0.02
N SER A 49 6.00 11.57 -1.06
CA SER A 49 6.62 12.84 -1.39
C SER A 49 5.67 13.67 -2.26
N SER A 50 4.55 13.07 -2.62
CA SER A 50 3.54 13.73 -3.43
C SER A 50 2.81 14.80 -2.63
N PRO A 51 2.51 15.95 -3.26
CA PRO A 51 1.78 17.04 -2.62
C PRO A 51 0.31 16.70 -2.36
N ALA A 52 0.01 16.30 -1.13
CA ALA A 52 -1.32 15.85 -0.78
C ALA A 52 -2.00 16.81 0.18
N HIS A 53 -3.32 16.73 0.25
CA HIS A 53 -4.10 17.55 1.17
C HIS A 53 -4.88 16.66 2.13
N VAL A 54 -4.58 15.38 2.10
CA VAL A 54 -5.29 14.41 2.92
C VAL A 54 -4.45 14.04 4.15
N ALA A 55 -5.10 14.02 5.31
CA ALA A 55 -4.44 13.65 6.56
C ALA A 55 -5.46 13.05 7.53
N THR A 56 -5.77 11.78 7.31
CA THR A 56 -6.78 11.08 8.10
C THR A 56 -8.16 11.67 7.84
N ALA A 1 -0.30 -13.90 -6.35
CA ALA A 1 -1.56 -13.56 -5.65
C ALA A 1 -2.75 -13.74 -6.57
N THR A 2 -2.80 -14.88 -7.27
CA THR A 2 -3.88 -15.16 -8.19
C THR A 2 -5.07 -15.76 -7.45
N ALA A 3 -5.67 -14.97 -6.59
CA ALA A 3 -6.82 -15.41 -5.81
C ALA A 3 -7.93 -14.38 -5.89
N SER A 4 -7.81 -13.31 -5.12
CA SER A 4 -8.81 -12.28 -5.10
C SER A 4 -8.23 -10.94 -5.54
N PRO A 5 -8.85 -10.31 -6.54
CA PRO A 5 -8.47 -8.97 -6.99
C PRO A 5 -8.91 -7.90 -6.00
N GLN A 6 -9.69 -8.33 -5.02
CA GLN A 6 -10.19 -7.44 -3.97
C GLN A 6 -9.09 -7.13 -2.97
N LEU A 7 -8.30 -8.14 -2.66
CA LEU A 7 -7.15 -7.97 -1.78
C LEU A 7 -6.12 -7.10 -2.49
N SER A 8 -5.92 -7.38 -3.77
CA SER A 8 -5.04 -6.59 -4.60
C SER A 8 -5.60 -5.17 -4.76
N SER A 9 -6.91 -5.04 -4.61
CA SER A 9 -7.58 -3.76 -4.63
C SER A 9 -7.23 -2.94 -3.39
N GLU A 10 -6.98 -3.64 -2.28
CA GLU A 10 -6.54 -3.00 -1.06
C GLU A 10 -5.24 -2.25 -1.31
N ILE A 11 -4.30 -2.92 -1.98
CA ILE A 11 -3.06 -2.28 -2.39
C ILE A 11 -3.34 -1.00 -3.18
N GLU A 12 -4.21 -1.11 -4.17
CA GLU A 12 -4.56 0.02 -5.01
C GLU A 12 -5.22 1.14 -4.20
N ASN A 13 -5.81 0.79 -3.07
CA ASN A 13 -6.48 1.76 -2.21
C ASN A 13 -5.48 2.76 -1.62
N LEU A 14 -4.38 2.28 -1.03
CA LEU A 14 -3.39 3.20 -0.48
C LEU A 14 -2.50 3.74 -1.59
N MET A 15 -2.43 2.98 -2.68
CA MET A 15 -1.76 3.42 -3.91
C MET A 15 -2.36 4.73 -4.41
N SER A 16 -3.67 4.83 -4.27
CA SER A 16 -4.42 6.00 -4.70
C SER A 16 -4.01 7.23 -3.88
N GLN A 17 -3.27 7.00 -2.80
CA GLN A 17 -2.81 8.08 -1.95
C GLN A 17 -1.42 8.53 -2.39
N GLY A 18 -0.76 7.73 -3.22
CA GLY A 18 0.54 8.10 -3.75
C GLY A 18 1.66 7.19 -3.26
N TYR A 19 1.32 6.28 -2.36
CA TYR A 19 2.31 5.37 -1.79
C TYR A 19 2.98 4.50 -2.87
N SER A 20 4.09 3.88 -2.53
CA SER A 20 4.93 3.18 -3.51
C SER A 20 4.86 1.66 -3.35
N TYR A 21 4.74 0.98 -4.50
CA TYR A 21 4.54 -0.47 -4.56
C TYR A 21 5.66 -1.24 -3.88
N GLN A 22 6.90 -0.74 -3.99
CA GLN A 22 8.06 -1.43 -3.42
C GLN A 22 7.85 -1.69 -1.94
N ASP A 23 7.48 -0.66 -1.21
CA ASP A 23 7.23 -0.77 0.21
C ASP A 23 5.84 -1.31 0.48
N ILE A 24 4.93 -1.15 -0.48
CA ILE A 24 3.60 -1.74 -0.39
C ILE A 24 3.71 -3.26 -0.24
N GLN A 25 4.49 -3.87 -1.11
CA GLN A 25 4.74 -5.31 -1.03
C GLN A 25 5.43 -5.64 0.29
N LYS A 26 6.34 -4.75 0.68
CA LYS A 26 7.05 -4.85 1.95
C LYS A 26 6.08 -4.86 3.13
N ALA A 27 5.03 -4.06 3.03
CA ALA A 27 3.98 -4.03 4.04
C ALA A 27 3.23 -5.34 4.05
N LEU A 28 2.99 -5.91 2.88
CA LEU A 28 2.27 -7.15 2.76
C LEU A 28 3.01 -8.31 3.42
N VAL A 29 4.34 -8.31 3.30
CA VAL A 29 5.14 -9.40 3.84
C VAL A 29 5.11 -9.40 5.37
N ILE A 30 4.98 -8.23 5.98
CA ILE A 30 4.86 -8.15 7.43
C ILE A 30 3.40 -8.30 7.82
N ALA A 31 2.53 -7.88 6.93
CA ALA A 31 1.11 -7.91 7.19
C ALA A 31 0.49 -9.23 6.77
N GLN A 32 1.32 -10.21 6.43
CA GLN A 32 0.86 -11.49 5.87
C GLN A 32 -0.29 -11.27 4.87
N ASN A 33 -0.02 -10.36 3.92
CA ASN A 33 -1.00 -9.90 2.91
C ASN A 33 -2.36 -9.54 3.52
N ASN A 34 -2.31 -8.81 4.64
CA ASN A 34 -3.52 -8.31 5.27
C ASN A 34 -4.03 -7.07 4.57
N ILE A 35 -5.31 -6.83 4.70
CA ILE A 35 -5.94 -5.65 4.12
C ILE A 35 -5.41 -4.38 4.78
N GLU A 36 -5.81 -4.18 6.03
CA GLU A 36 -5.52 -2.95 6.74
C GLU A 36 -4.06 -2.90 7.19
N MET A 37 -3.50 -4.03 7.59
CA MET A 37 -2.16 -4.03 8.15
C MET A 37 -1.12 -3.56 7.12
N ALA A 38 -1.33 -3.92 5.86
CA ALA A 38 -0.45 -3.50 4.79
C ALA A 38 -0.53 -2.00 4.54
N LYS A 39 -1.74 -1.51 4.35
CA LYS A 39 -1.95 -0.07 4.11
C LYS A 39 -1.52 0.74 5.32
N ASN A 40 -1.62 0.15 6.51
CA ASN A 40 -1.27 0.83 7.75
C ASN A 40 0.24 0.86 7.96
N ILE A 41 0.93 -0.17 7.48
CA ILE A 41 2.39 -0.22 7.61
C ILE A 41 3.04 0.85 6.75
N LEU A 42 2.52 1.09 5.57
CA LEU A 42 3.02 2.22 4.77
C LEU A 42 2.85 3.50 5.57
N ARG A 43 1.62 3.72 6.02
CA ARG A 43 1.28 4.84 6.88
C ARG A 43 2.30 5.00 8.02
N GLU A 44 2.53 3.92 8.73
CA GLU A 44 3.48 3.89 9.84
C GLU A 44 4.94 4.09 9.38
N PHE A 45 5.31 3.41 8.32
CA PHE A 45 6.71 3.35 7.88
C PHE A 45 7.02 4.31 6.74
N VAL A 46 6.67 3.89 5.53
CA VAL A 46 7.04 4.60 4.33
C VAL A 46 6.04 5.70 4.00
N SER A 47 6.55 6.90 3.83
CA SER A 47 5.73 8.05 3.54
C SER A 47 5.75 8.38 2.05
N ILE A 48 4.93 9.33 1.66
CA ILE A 48 4.83 9.70 0.27
C ILE A 48 5.73 10.88 -0.05
N SER A 49 6.82 10.58 -0.73
CA SER A 49 7.79 11.60 -1.11
C SER A 49 7.57 12.07 -2.54
N SER A 50 6.51 11.56 -3.15
CA SER A 50 6.17 11.95 -4.51
C SER A 50 4.80 12.61 -4.55
N PRO A 51 4.71 13.81 -5.13
CA PRO A 51 3.43 14.43 -5.48
C PRO A 51 2.88 13.85 -6.78
N ALA A 52 3.81 13.40 -7.62
CA ALA A 52 3.50 12.73 -8.85
C ALA A 52 4.65 11.80 -9.20
N HIS A 53 4.55 10.56 -8.76
CA HIS A 53 5.65 9.60 -8.91
C HIS A 53 5.81 9.21 -10.37
N VAL A 54 7.02 9.43 -10.88
CA VAL A 54 7.30 9.15 -12.28
C VAL A 54 7.08 7.67 -12.62
N ALA A 55 6.17 7.43 -13.55
CA ALA A 55 5.88 6.08 -13.99
C ALA A 55 6.25 5.92 -15.46
N THR A 56 7.42 5.38 -15.71
CA THR A 56 7.90 5.16 -17.06
C THR A 56 8.09 3.67 -17.33
N ALA A 1 -6.80 -19.15 -12.18
CA ALA A 1 -6.50 -18.37 -10.97
C ALA A 1 -5.23 -17.56 -11.15
N THR A 2 -5.39 -16.30 -11.53
CA THR A 2 -4.26 -15.40 -11.68
C THR A 2 -3.90 -14.75 -10.34
N ALA A 3 -4.80 -13.89 -9.88
CA ALA A 3 -4.63 -13.21 -8.60
C ALA A 3 -5.99 -12.71 -8.13
N SER A 4 -6.15 -12.52 -6.83
CA SER A 4 -7.41 -12.05 -6.30
C SER A 4 -7.59 -10.56 -6.57
N PRO A 5 -8.71 -10.20 -7.22
CA PRO A 5 -9.04 -8.81 -7.53
C PRO A 5 -9.38 -8.02 -6.27
N GLN A 6 -9.73 -8.73 -5.21
CA GLN A 6 -10.05 -8.12 -3.94
C GLN A 6 -8.79 -7.86 -3.16
N LEU A 7 -7.89 -8.83 -3.20
CA LEU A 7 -6.61 -8.73 -2.53
C LEU A 7 -5.81 -7.60 -3.16
N SER A 8 -5.74 -7.61 -4.48
CA SER A 8 -5.11 -6.53 -5.22
C SER A 8 -5.77 -5.20 -4.87
N SER A 9 -7.07 -5.25 -4.64
CA SER A 9 -7.86 -4.07 -4.31
C SER A 9 -7.43 -3.47 -2.98
N GLU A 10 -6.98 -4.32 -2.05
CA GLU A 10 -6.46 -3.85 -0.77
C GLU A 10 -5.23 -2.99 -1.02
N ILE A 11 -4.34 -3.54 -1.84
CA ILE A 11 -3.14 -2.84 -2.25
C ILE A 11 -3.49 -1.55 -2.98
N GLU A 12 -4.39 -1.66 -3.94
CA GLU A 12 -4.81 -0.54 -4.75
C GLU A 12 -5.48 0.53 -3.89
N ASN A 13 -6.05 0.09 -2.77
CA ASN A 13 -6.74 0.98 -1.85
C ASN A 13 -5.81 2.04 -1.28
N LEU A 14 -4.66 1.63 -0.73
CA LEU A 14 -3.70 2.64 -0.24
C LEU A 14 -2.85 3.17 -1.38
N MET A 15 -2.74 2.38 -2.43
CA MET A 15 -2.01 2.74 -3.63
C MET A 15 -2.49 4.06 -4.22
N SER A 16 -3.76 4.38 -3.99
CA SER A 16 -4.39 5.50 -4.68
C SER A 16 -3.93 6.82 -4.07
N GLN A 17 -3.23 6.71 -2.95
CA GLN A 17 -2.74 7.88 -2.25
C GLN A 17 -1.45 8.41 -2.88
N GLY A 18 -0.75 7.53 -3.58
CA GLY A 18 0.54 7.89 -4.13
C GLY A 18 1.67 7.11 -3.49
N TYR A 19 1.34 6.17 -2.63
CA TYR A 19 2.34 5.39 -1.91
C TYR A 19 3.21 4.58 -2.88
N SER A 20 4.29 4.03 -2.37
CA SER A 20 5.31 3.43 -3.22
C SER A 20 5.24 1.91 -3.16
N TYR A 21 5.22 1.30 -4.34
CA TYR A 21 4.97 -0.14 -4.46
C TYR A 21 6.07 -0.98 -3.86
N GLN A 22 7.27 -0.43 -3.76
CA GLN A 22 8.39 -1.12 -3.13
C GLN A 22 8.07 -1.47 -1.68
N ASP A 23 7.67 -0.46 -0.92
CA ASP A 23 7.35 -0.65 0.49
C ASP A 23 5.92 -1.15 0.67
N ILE A 24 5.07 -0.89 -0.31
CA ILE A 24 3.69 -1.39 -0.28
C ILE A 24 3.70 -2.91 -0.25
N GLN A 25 4.45 -3.53 -1.16
CA GLN A 25 4.56 -4.97 -1.17
C GLN A 25 5.24 -5.44 0.10
N LYS A 26 6.19 -4.64 0.57
CA LYS A 26 6.89 -4.93 1.82
C LYS A 26 5.90 -4.97 2.98
N ALA A 27 4.95 -4.04 2.96
CA ALA A 27 3.90 -4.00 3.97
C ALA A 27 3.06 -5.26 3.91
N LEU A 28 2.77 -5.71 2.70
CA LEU A 28 1.95 -6.89 2.49
C LEU A 28 2.62 -8.14 3.04
N VAL A 29 3.93 -8.23 2.91
CA VAL A 29 4.65 -9.42 3.37
C VAL A 29 4.64 -9.52 4.90
N ILE A 30 4.59 -8.39 5.59
CA ILE A 30 4.49 -8.40 7.03
C ILE A 30 3.02 -8.48 7.43
N ALA A 31 2.18 -7.90 6.59
CA ALA A 31 0.75 -7.85 6.83
C ALA A 31 0.02 -9.07 6.31
N GLN A 32 0.78 -10.10 5.91
CA GLN A 32 0.24 -11.28 5.20
C GLN A 32 -0.90 -10.91 4.24
N ASN A 33 -0.66 -9.83 3.50
CA ASN A 33 -1.58 -9.32 2.47
C ASN A 33 -2.87 -8.75 3.05
N ASN A 34 -2.82 -8.22 4.27
CA ASN A 34 -3.95 -7.48 4.82
C ASN A 34 -4.09 -6.14 4.15
N ILE A 35 -5.32 -5.66 4.10
CA ILE A 35 -5.60 -4.34 3.58
C ILE A 35 -5.14 -3.27 4.57
N GLU A 36 -5.59 -3.40 5.81
CA GLU A 36 -5.31 -2.42 6.84
C GLU A 36 -3.89 -2.55 7.35
N MET A 37 -3.45 -3.78 7.60
CA MET A 37 -2.13 -4.00 8.19
C MET A 37 -1.03 -3.52 7.25
N ALA A 38 -1.29 -3.57 5.96
CA ALA A 38 -0.35 -3.06 4.96
C ALA A 38 -0.35 -1.53 4.90
N LYS A 39 -1.54 -0.95 4.76
CA LYS A 39 -1.67 0.51 4.72
C LYS A 39 -1.17 1.13 6.01
N ASN A 40 -1.32 0.40 7.11
CA ASN A 40 -0.87 0.86 8.42
C ASN A 40 0.64 0.88 8.47
N ILE A 41 1.28 -0.14 7.92
CA ILE A 41 2.73 -0.22 7.91
C ILE A 41 3.33 0.88 7.05
N LEU A 42 2.71 1.20 5.92
CA LEU A 42 3.16 2.36 5.15
C LEU A 42 3.03 3.61 6.02
N ARG A 43 1.85 3.78 6.61
CA ARG A 43 1.58 4.91 7.50
C ARG A 43 2.63 5.02 8.62
N GLU A 44 3.07 3.87 9.10
CA GLU A 44 4.08 3.79 10.16
C GLU A 44 5.49 3.97 9.62
N PHE A 45 5.69 3.52 8.39
CA PHE A 45 7.02 3.43 7.79
C PHE A 45 7.21 4.45 6.68
N VAL A 46 6.69 4.12 5.51
CA VAL A 46 6.89 4.89 4.29
C VAL A 46 5.73 5.86 4.02
N SER A 47 6.05 7.12 3.83
CA SER A 47 5.03 8.13 3.66
C SER A 47 5.25 8.91 2.36
N ILE A 48 4.17 9.45 1.82
CA ILE A 48 4.19 10.17 0.56
C ILE A 48 4.64 11.61 0.78
N SER A 49 5.43 12.13 -0.15
CA SER A 49 5.83 13.54 -0.10
C SER A 49 4.88 14.37 -0.95
N SER A 50 3.72 13.81 -1.24
CA SER A 50 2.69 14.52 -1.97
C SER A 50 1.44 14.65 -1.09
N PRO A 51 0.89 15.87 -0.95
CA PRO A 51 -0.29 16.12 -0.13
C PRO A 51 -1.57 15.55 -0.76
N ALA A 52 -1.47 15.15 -2.03
CA ALA A 52 -2.59 14.56 -2.78
C ALA A 52 -3.69 15.57 -3.08
N HIS A 53 -4.22 16.19 -2.04
CA HIS A 53 -5.28 17.18 -2.18
C HIS A 53 -4.71 18.48 -2.72
N VAL A 54 -3.62 18.93 -2.12
CA VAL A 54 -2.97 20.18 -2.51
C VAL A 54 -2.24 20.01 -3.83
N ALA A 55 -2.75 20.67 -4.86
CA ALA A 55 -2.14 20.62 -6.18
C ALA A 55 -1.49 21.96 -6.51
N THR A 56 -1.80 22.97 -5.70
CA THR A 56 -1.23 24.29 -5.88
C THR A 56 -0.02 24.46 -4.97
N ALA A 1 -7.06 -20.48 -9.76
CA ALA A 1 -6.93 -19.04 -10.08
C ALA A 1 -5.85 -18.41 -9.21
N THR A 2 -6.10 -18.34 -7.91
CA THR A 2 -5.12 -17.81 -6.96
C THR A 2 -4.74 -16.37 -7.33
N ALA A 3 -5.76 -15.56 -7.61
CA ALA A 3 -5.54 -14.18 -8.00
C ALA A 3 -6.82 -13.38 -7.84
N SER A 4 -7.01 -12.81 -6.65
CA SER A 4 -8.19 -12.02 -6.36
C SER A 4 -7.97 -10.56 -6.74
N PRO A 5 -8.89 -10.00 -7.54
CA PRO A 5 -8.88 -8.58 -7.89
C PRO A 5 -9.22 -7.71 -6.69
N GLN A 6 -9.91 -8.32 -5.74
CA GLN A 6 -10.34 -7.63 -4.52
C GLN A 6 -9.18 -7.54 -3.54
N LEU A 7 -8.38 -8.59 -3.52
CA LEU A 7 -7.14 -8.60 -2.74
C LEU A 7 -6.20 -7.54 -3.30
N SER A 8 -6.09 -7.52 -4.62
CA SER A 8 -5.32 -6.50 -5.30
C SER A 8 -5.89 -5.12 -4.99
N SER A 9 -7.21 -5.06 -4.86
CA SER A 9 -7.91 -3.83 -4.51
C SER A 9 -7.48 -3.32 -3.15
N GLU A 10 -7.07 -4.21 -2.25
CA GLU A 10 -6.55 -3.80 -0.95
C GLU A 10 -5.28 -2.97 -1.15
N ILE A 11 -4.37 -3.53 -1.96
CA ILE A 11 -3.14 -2.82 -2.35
C ILE A 11 -3.48 -1.52 -3.06
N GLU A 12 -4.38 -1.61 -4.03
CA GLU A 12 -4.79 -0.46 -4.80
C GLU A 12 -5.50 0.57 -3.92
N ASN A 13 -6.06 0.10 -2.81
CA ASN A 13 -6.78 0.95 -1.87
C ASN A 13 -5.87 2.02 -1.28
N LEU A 14 -4.70 1.63 -0.76
CA LEU A 14 -3.79 2.63 -0.22
C LEU A 14 -2.99 3.29 -1.34
N MET A 15 -2.88 2.58 -2.45
CA MET A 15 -2.20 3.07 -3.65
C MET A 15 -2.81 4.38 -4.15
N SER A 16 -4.09 4.58 -3.86
CA SER A 16 -4.80 5.78 -4.27
C SER A 16 -4.15 7.04 -3.68
N GLN A 17 -3.43 6.86 -2.57
CA GLN A 17 -2.80 7.97 -1.88
C GLN A 17 -1.51 8.38 -2.58
N GLY A 18 -0.95 7.48 -3.38
CA GLY A 18 0.28 7.77 -4.07
C GLY A 18 1.46 6.98 -3.54
N TYR A 19 1.18 6.05 -2.64
CA TYR A 19 2.23 5.25 -2.00
C TYR A 19 3.03 4.44 -3.01
N SER A 20 4.10 3.80 -2.53
CA SER A 20 5.07 3.15 -3.40
C SER A 20 5.03 1.64 -3.24
N TYR A 21 5.04 0.96 -4.39
CA TYR A 21 4.88 -0.50 -4.46
C TYR A 21 5.95 -1.23 -3.67
N GLN A 22 7.15 -0.67 -3.67
CA GLN A 22 8.29 -1.29 -3.01
C GLN A 22 8.01 -1.56 -1.53
N ASP A 23 7.61 -0.52 -0.80
CA ASP A 23 7.31 -0.65 0.61
C ASP A 23 5.92 -1.23 0.81
N ILE A 24 5.05 -1.05 -0.18
CA ILE A 24 3.72 -1.67 -0.16
C ILE A 24 3.86 -3.18 -0.08
N GLN A 25 4.67 -3.75 -0.95
CA GLN A 25 4.97 -5.17 -0.93
C GLN A 25 5.59 -5.55 0.40
N LYS A 26 6.48 -4.68 0.87
CA LYS A 26 7.13 -4.82 2.16
C LYS A 26 6.10 -4.89 3.28
N ALA A 27 5.11 -4.01 3.21
CA ALA A 27 4.02 -3.99 4.16
C ALA A 27 3.24 -5.30 4.09
N LEU A 28 2.98 -5.76 2.88
CA LEU A 28 2.21 -6.98 2.66
C LEU A 28 2.88 -8.20 3.29
N VAL A 29 4.21 -8.26 3.22
CA VAL A 29 4.92 -9.42 3.73
C VAL A 29 4.84 -9.49 5.26
N ILE A 30 4.75 -8.35 5.92
CA ILE A 30 4.57 -8.33 7.36
C ILE A 30 3.07 -8.41 7.68
N ALA A 31 2.27 -7.86 6.78
CA ALA A 31 0.84 -7.79 6.97
C ALA A 31 0.13 -9.02 6.46
N GLN A 32 0.89 -10.08 6.15
CA GLN A 32 0.34 -11.31 5.57
C GLN A 32 -0.72 -10.99 4.52
N ASN A 33 -0.33 -10.12 3.58
CA ASN A 33 -1.19 -9.60 2.50
C ASN A 33 -2.54 -9.08 3.03
N ASN A 34 -2.49 -8.22 4.03
CA ASN A 34 -3.67 -7.54 4.55
C ASN A 34 -3.87 -6.19 3.89
N ILE A 35 -5.10 -5.70 3.95
CA ILE A 35 -5.41 -4.39 3.43
C ILE A 35 -4.96 -3.29 4.40
N GLU A 36 -5.49 -3.33 5.61
CA GLU A 36 -5.25 -2.30 6.60
C GLU A 36 -3.85 -2.43 7.17
N MET A 37 -3.43 -3.64 7.48
CA MET A 37 -2.14 -3.83 8.12
C MET A 37 -1.00 -3.35 7.21
N ALA A 38 -1.20 -3.53 5.91
CA ALA A 38 -0.24 -3.05 4.93
C ALA A 38 -0.27 -1.52 4.80
N LYS A 39 -1.46 -0.96 4.59
CA LYS A 39 -1.62 0.49 4.47
C LYS A 39 -1.16 1.19 5.74
N ASN A 40 -1.33 0.50 6.87
CA ASN A 40 -0.97 1.06 8.17
C ASN A 40 0.53 0.96 8.39
N ILE A 41 1.15 -0.10 7.89
CA ILE A 41 2.60 -0.22 7.94
C ILE A 41 3.26 0.82 7.07
N LEU A 42 2.68 1.10 5.90
CA LEU A 42 3.17 2.22 5.10
C LEU A 42 3.08 3.49 5.90
N ARG A 43 1.93 3.72 6.50
CA ARG A 43 1.69 4.89 7.34
C ARG A 43 2.73 4.99 8.47
N GLU A 44 3.17 3.83 8.97
CA GLU A 44 4.18 3.76 10.01
C GLU A 44 5.60 3.87 9.46
N PHE A 45 5.76 3.49 8.21
CA PHE A 45 7.08 3.37 7.61
C PHE A 45 7.34 4.44 6.55
N VAL A 46 6.73 4.23 5.41
CA VAL A 46 7.02 4.96 4.20
C VAL A 46 6.05 6.12 3.98
N SER A 47 6.55 7.20 3.41
CA SER A 47 5.72 8.36 3.12
C SER A 47 5.67 8.62 1.63
N ILE A 48 4.81 9.54 1.24
CA ILE A 48 4.58 9.83 -0.16
C ILE A 48 5.32 11.08 -0.60
N SER A 49 5.81 11.07 -1.83
CA SER A 49 6.39 12.26 -2.43
C SER A 49 5.31 13.01 -3.19
N SER A 50 4.10 12.48 -3.11
CA SER A 50 2.94 13.12 -3.69
C SER A 50 2.03 13.63 -2.58
N PRO A 51 1.67 14.93 -2.65
CA PRO A 51 0.76 15.55 -1.68
C PRO A 51 -0.66 15.00 -1.82
N ALA A 52 -1.17 14.95 -3.05
CA ALA A 52 -2.50 14.41 -3.33
C ALA A 52 -3.55 14.96 -2.37
N HIS A 53 -3.45 16.26 -2.09
CA HIS A 53 -4.31 16.90 -1.11
C HIS A 53 -5.48 17.58 -1.82
N VAL A 54 -5.16 18.32 -2.86
CA VAL A 54 -6.18 19.00 -3.65
C VAL A 54 -6.38 18.28 -4.99
N ALA A 55 -6.01 17.00 -5.02
CA ALA A 55 -6.12 16.20 -6.23
C ALA A 55 -7.48 15.53 -6.33
N THR A 56 -8.40 15.96 -5.48
CA THR A 56 -9.75 15.42 -5.45
C THR A 56 -10.68 16.42 -4.79
N ALA A 1 -1.65 -11.96 -13.96
CA ALA A 1 -1.42 -12.09 -12.50
C ALA A 1 -2.02 -13.40 -11.98
N THR A 2 -1.31 -14.03 -11.06
CA THR A 2 -1.75 -15.29 -10.48
C THR A 2 -2.29 -15.05 -9.06
N ALA A 3 -3.13 -14.03 -8.94
CA ALA A 3 -3.70 -13.65 -7.66
C ALA A 3 -5.10 -13.07 -7.85
N SER A 4 -5.83 -12.93 -6.76
CA SER A 4 -7.16 -12.35 -6.81
C SER A 4 -7.07 -10.84 -6.94
N PRO A 5 -7.73 -10.27 -7.96
CA PRO A 5 -7.69 -8.84 -8.25
C PRO A 5 -8.33 -7.99 -7.17
N GLN A 6 -9.29 -8.59 -6.46
CA GLN A 6 -10.02 -7.88 -5.40
C GLN A 6 -9.12 -7.64 -4.20
N LEU A 7 -8.22 -8.57 -3.96
CA LEU A 7 -7.24 -8.44 -2.90
C LEU A 7 -6.21 -7.39 -3.35
N SER A 8 -5.84 -7.46 -4.61
CA SER A 8 -4.95 -6.49 -5.21
C SER A 8 -5.60 -5.10 -5.18
N SER A 9 -6.92 -5.08 -5.27
CA SER A 9 -7.71 -3.87 -5.14
C SER A 9 -7.50 -3.21 -3.77
N GLU A 10 -7.24 -4.03 -2.74
CA GLU A 10 -6.87 -3.50 -1.43
C GLU A 10 -5.58 -2.70 -1.54
N ILE A 11 -4.57 -3.30 -2.18
CA ILE A 11 -3.33 -2.60 -2.47
C ILE A 11 -3.61 -1.31 -3.24
N GLU A 12 -4.46 -1.40 -4.25
CA GLU A 12 -4.84 -0.25 -5.05
C GLU A 12 -5.46 0.85 -4.19
N ASN A 13 -6.05 0.46 -3.06
CA ASN A 13 -6.64 1.42 -2.13
C ASN A 13 -5.59 2.35 -1.54
N LEU A 14 -4.51 1.80 -0.98
CA LEU A 14 -3.48 2.68 -0.42
C LEU A 14 -2.60 3.24 -1.54
N MET A 15 -2.58 2.52 -2.65
CA MET A 15 -1.91 2.97 -3.87
C MET A 15 -2.52 4.27 -4.35
N SER A 16 -3.83 4.37 -4.24
CA SER A 16 -4.58 5.54 -4.67
C SER A 16 -4.28 6.73 -3.75
N GLN A 17 -3.64 6.43 -2.63
CA GLN A 17 -3.25 7.47 -1.68
C GLN A 17 -1.90 8.06 -2.07
N GLY A 18 -1.12 7.30 -2.83
CA GLY A 18 0.16 7.80 -3.32
C GLY A 18 1.34 6.94 -2.91
N TYR A 19 1.08 5.98 -2.03
CA TYR A 19 2.14 5.13 -1.47
C TYR A 19 2.87 4.34 -2.55
N SER A 20 4.05 3.84 -2.22
CA SER A 20 4.94 3.24 -3.21
C SER A 20 4.89 1.71 -3.20
N TYR A 21 4.78 1.15 -4.41
CA TYR A 21 4.56 -0.29 -4.62
C TYR A 21 5.60 -1.16 -3.94
N GLN A 22 6.85 -0.69 -3.90
CA GLN A 22 7.94 -1.48 -3.35
C GLN A 22 7.72 -1.76 -1.87
N ASP A 23 7.45 -0.71 -1.11
CA ASP A 23 7.21 -0.85 0.32
C ASP A 23 5.79 -1.32 0.57
N ILE A 24 4.89 -1.08 -0.38
CA ILE A 24 3.54 -1.63 -0.33
C ILE A 24 3.59 -3.15 -0.27
N GLN A 25 4.36 -3.74 -1.18
CA GLN A 25 4.54 -5.17 -1.21
C GLN A 25 5.23 -5.62 0.08
N LYS A 26 6.19 -4.81 0.50
CA LYS A 26 6.89 -5.02 1.77
C LYS A 26 5.92 -5.05 2.94
N ALA A 27 5.00 -4.10 2.97
CA ALA A 27 4.00 -4.05 4.02
C ALA A 27 3.16 -5.31 4.05
N LEU A 28 2.87 -5.85 2.87
CA LEU A 28 2.07 -7.05 2.75
C LEU A 28 2.75 -8.26 3.38
N VAL A 29 4.07 -8.36 3.22
CA VAL A 29 4.78 -9.53 3.73
C VAL A 29 4.79 -9.55 5.25
N ILE A 30 4.78 -8.38 5.87
CA ILE A 30 4.74 -8.29 7.31
C ILE A 30 3.29 -8.34 7.78
N ALA A 31 2.41 -7.86 6.92
CA ALA A 31 0.99 -7.77 7.23
C ALA A 31 0.23 -9.01 6.82
N GLN A 32 0.95 -10.09 6.47
CA GLN A 32 0.33 -11.33 5.96
C GLN A 32 -0.78 -11.00 4.94
N ASN A 33 -0.43 -10.11 4.01
CA ASN A 33 -1.31 -9.57 2.97
C ASN A 33 -2.64 -9.02 3.52
N ASN A 34 -2.57 -8.42 4.71
CA ASN A 34 -3.68 -7.66 5.24
C ASN A 34 -3.75 -6.32 4.57
N ILE A 35 -4.96 -5.85 4.32
CA ILE A 35 -5.16 -4.53 3.77
C ILE A 35 -4.78 -3.47 4.79
N GLU A 36 -5.39 -3.56 5.96
CA GLU A 36 -5.21 -2.55 6.99
C GLU A 36 -3.78 -2.53 7.51
N MET A 37 -3.24 -3.69 7.84
CA MET A 37 -1.90 -3.74 8.43
C MET A 37 -0.85 -3.25 7.42
N ALA A 38 -1.10 -3.50 6.15
CA ALA A 38 -0.19 -3.03 5.10
C ALA A 38 -0.24 -1.52 4.93
N LYS A 39 -1.45 -0.98 4.78
CA LYS A 39 -1.63 0.46 4.61
C LYS A 39 -1.14 1.19 5.86
N ASN A 40 -1.22 0.51 7.00
CA ASN A 40 -0.78 1.07 8.26
C ASN A 40 0.74 1.06 8.36
N ILE A 41 1.37 0.00 7.87
CA ILE A 41 2.82 -0.09 7.89
C ILE A 41 3.46 0.97 7.03
N LEU A 42 2.87 1.27 5.89
CA LEU A 42 3.35 2.39 5.09
C LEU A 42 3.21 3.68 5.92
N ARG A 43 2.02 3.87 6.49
CA ARG A 43 1.75 5.02 7.35
C ARG A 43 2.78 5.14 8.49
N GLU A 44 3.22 3.99 9.00
CA GLU A 44 4.17 3.93 10.10
C GLU A 44 5.61 4.02 9.62
N PHE A 45 5.86 3.57 8.40
CA PHE A 45 7.20 3.48 7.85
C PHE A 45 7.40 4.42 6.67
N VAL A 46 6.92 4.01 5.52
CA VAL A 46 7.11 4.73 4.27
C VAL A 46 5.91 5.60 3.92
N SER A 47 6.12 6.89 3.86
CA SER A 47 5.05 7.83 3.66
C SER A 47 5.19 8.56 2.34
N ILE A 48 4.26 9.47 2.10
CA ILE A 48 4.15 10.17 0.84
C ILE A 48 4.39 11.66 1.01
N SER A 49 4.86 12.30 -0.05
CA SER A 49 5.01 13.75 -0.06
C SER A 49 3.72 14.38 -0.57
N SER A 50 2.61 13.99 0.03
CA SER A 50 1.30 14.42 -0.40
C SER A 50 1.04 15.87 0.01
N PRO A 51 0.20 16.58 -0.76
CA PRO A 51 -0.13 17.99 -0.51
C PRO A 51 -1.06 18.17 0.70
N ALA A 52 -1.17 17.12 1.52
CA ALA A 52 -1.98 17.16 2.73
C ALA A 52 -1.22 17.84 3.86
N HIS A 53 -1.00 19.14 3.70
CA HIS A 53 -0.27 19.94 4.69
C HIS A 53 -0.64 21.40 4.51
N VAL A 54 -0.43 22.19 5.55
CA VAL A 54 -0.81 23.60 5.53
C VAL A 54 0.27 24.46 4.87
N ALA A 55 0.30 24.42 3.55
CA ALA A 55 1.24 25.23 2.79
C ALA A 55 0.70 26.64 2.67
N THR A 56 -0.37 26.79 1.92
CA THR A 56 -1.05 28.06 1.80
C THR A 56 -2.29 28.07 2.69
N ALA A 1 -4.32 -2.97 -19.12
CA ALA A 1 -5.39 -3.92 -18.72
C ALA A 1 -5.41 -4.10 -17.22
N THR A 2 -6.56 -4.44 -16.67
CA THR A 2 -6.67 -4.69 -15.25
C THR A 2 -7.47 -5.96 -14.96
N ALA A 3 -6.93 -6.77 -14.05
CA ALA A 3 -7.58 -8.00 -13.65
C ALA A 3 -7.27 -8.28 -12.18
N SER A 4 -7.02 -7.21 -11.44
CA SER A 4 -6.67 -7.29 -10.03
C SER A 4 -7.91 -7.58 -9.19
N PRO A 5 -7.83 -8.60 -8.31
CA PRO A 5 -8.95 -8.99 -7.47
C PRO A 5 -9.13 -8.08 -6.25
N GLN A 6 -9.38 -8.69 -5.12
CA GLN A 6 -9.79 -7.96 -3.92
C GLN A 6 -8.58 -7.54 -3.09
N LEU A 7 -7.68 -8.48 -2.87
CA LEU A 7 -6.47 -8.23 -2.10
C LEU A 7 -5.64 -7.16 -2.79
N SER A 8 -5.56 -7.27 -4.11
CA SER A 8 -4.86 -6.28 -4.91
C SER A 8 -5.59 -4.94 -4.86
N SER A 9 -6.88 -5.00 -4.58
CA SER A 9 -7.70 -3.80 -4.42
C SER A 9 -7.34 -3.07 -3.13
N GLU A 10 -6.94 -3.82 -2.11
CA GLU A 10 -6.53 -3.22 -0.85
C GLU A 10 -5.33 -2.32 -1.11
N ILE A 11 -4.38 -2.85 -1.87
CA ILE A 11 -3.22 -2.09 -2.32
C ILE A 11 -3.65 -0.84 -3.09
N GLU A 12 -4.49 -1.06 -4.09
CA GLU A 12 -4.92 0.03 -4.96
C GLU A 12 -5.59 1.15 -4.17
N ASN A 13 -6.16 0.82 -3.01
CA ASN A 13 -6.77 1.84 -2.16
C ASN A 13 -5.73 2.81 -1.59
N LEU A 14 -4.65 2.29 -0.99
CA LEU A 14 -3.64 3.21 -0.45
C LEU A 14 -2.74 3.72 -1.57
N MET A 15 -2.69 2.95 -2.65
CA MET A 15 -1.97 3.34 -3.86
C MET A 15 -2.40 4.71 -4.36
N SER A 16 -3.70 4.99 -4.28
CA SER A 16 -4.24 6.25 -4.77
C SER A 16 -3.84 7.43 -3.90
N GLN A 17 -3.13 7.16 -2.82
CA GLN A 17 -2.59 8.21 -1.98
C GLN A 17 -1.22 8.60 -2.50
N GLY A 18 -0.64 7.75 -3.33
CA GLY A 18 0.64 8.05 -3.94
C GLY A 18 1.75 7.13 -3.48
N TYR A 19 1.41 6.23 -2.56
CA TYR A 19 2.39 5.32 -1.98
C TYR A 19 3.04 4.42 -3.03
N SER A 20 4.12 3.73 -2.63
CA SER A 20 4.95 3.02 -3.59
C SER A 20 4.89 1.51 -3.39
N TYR A 21 4.79 0.79 -4.52
CA TYR A 21 4.59 -0.65 -4.54
C TYR A 21 5.71 -1.39 -3.84
N GLN A 22 6.93 -0.88 -3.96
CA GLN A 22 8.09 -1.49 -3.32
C GLN A 22 7.86 -1.69 -1.82
N ASP A 23 7.43 -0.63 -1.16
CA ASP A 23 7.16 -0.68 0.27
C ASP A 23 5.78 -1.26 0.54
N ILE A 24 4.87 -1.10 -0.42
CA ILE A 24 3.54 -1.70 -0.33
C ILE A 24 3.65 -3.22 -0.23
N GLN A 25 4.42 -3.80 -1.14
CA GLN A 25 4.65 -5.22 -1.14
C GLN A 25 5.37 -5.62 0.14
N LYS A 26 6.26 -4.73 0.59
CA LYS A 26 6.98 -4.93 1.83
C LYS A 26 5.98 -5.04 2.98
N ALA A 27 5.02 -4.15 2.99
CA ALA A 27 3.98 -4.13 4.01
C ALA A 27 3.23 -5.45 4.02
N LEU A 28 2.95 -5.98 2.85
CA LEU A 28 2.19 -7.21 2.72
C LEU A 28 2.92 -8.39 3.38
N VAL A 29 4.23 -8.45 3.22
CA VAL A 29 4.99 -9.59 3.75
C VAL A 29 4.99 -9.60 5.27
N ILE A 30 4.94 -8.42 5.89
CA ILE A 30 4.86 -8.32 7.33
C ILE A 30 3.41 -8.42 7.76
N ALA A 31 2.54 -7.98 6.88
CA ALA A 31 1.12 -7.94 7.16
C ALA A 31 0.41 -9.21 6.73
N GLN A 32 1.17 -10.27 6.44
CA GLN A 32 0.62 -11.54 5.92
C GLN A 32 -0.47 -11.28 4.87
N ASN A 33 -0.18 -10.34 3.97
CA ASN A 33 -1.11 -9.87 2.94
C ASN A 33 -2.41 -9.41 3.57
N ASN A 34 -2.32 -8.45 4.48
CA ASN A 34 -3.50 -7.90 5.16
C ASN A 34 -4.05 -6.73 4.39
N ILE A 35 -5.33 -6.50 4.56
CA ILE A 35 -5.95 -5.30 4.08
C ILE A 35 -5.43 -4.09 4.86
N GLU A 36 -5.75 -4.08 6.14
CA GLU A 36 -5.42 -2.98 7.02
C GLU A 36 -3.93 -2.92 7.31
N MET A 37 -3.36 -4.05 7.69
CA MET A 37 -2.01 -4.07 8.24
C MET A 37 -0.98 -3.59 7.19
N ALA A 38 -1.24 -3.90 5.94
CA ALA A 38 -0.36 -3.47 4.85
C ALA A 38 -0.44 -1.96 4.62
N LYS A 39 -1.67 -1.45 4.44
CA LYS A 39 -1.85 -0.02 4.21
C LYS A 39 -1.44 0.79 5.44
N ASN A 40 -1.59 0.17 6.61
CA ASN A 40 -1.25 0.83 7.85
C ASN A 40 0.26 0.87 8.07
N ILE A 41 0.97 -0.14 7.59
CA ILE A 41 2.42 -0.16 7.68
C ILE A 41 3.04 0.92 6.80
N LEU A 42 2.49 1.14 5.62
CA LEU A 42 2.92 2.27 4.80
C LEU A 42 2.75 3.55 5.62
N ARG A 43 1.56 3.73 6.15
CA ARG A 43 1.22 4.83 7.04
C ARG A 43 2.27 5.02 8.14
N GLU A 44 2.60 3.92 8.80
CA GLU A 44 3.51 3.92 9.94
C GLU A 44 4.98 4.02 9.54
N PHE A 45 5.29 3.62 8.32
CA PHE A 45 6.68 3.50 7.88
C PHE A 45 7.04 4.45 6.74
N VAL A 46 6.59 4.09 5.55
CA VAL A 46 7.00 4.77 4.33
C VAL A 46 6.14 5.99 4.03
N SER A 47 6.80 7.06 3.60
CA SER A 47 6.12 8.26 3.19
C SER A 47 6.15 8.37 1.68
N ILE A 48 5.47 9.38 1.15
CA ILE A 48 5.30 9.49 -0.29
C ILE A 48 6.34 10.40 -0.92
N SER A 49 7.02 9.87 -1.92
CA SER A 49 8.07 10.62 -2.63
C SER A 49 7.47 11.70 -3.52
N SER A 50 6.18 11.57 -3.80
CA SER A 50 5.48 12.52 -4.65
C SER A 50 5.21 13.80 -3.86
N PRO A 51 5.37 14.97 -4.50
CA PRO A 51 5.11 16.28 -3.87
C PRO A 51 3.62 16.54 -3.70
N ALA A 52 2.91 15.56 -3.16
CA ALA A 52 1.48 15.67 -2.95
C ALA A 52 1.18 16.60 -1.78
N HIS A 53 0.60 17.74 -2.09
CA HIS A 53 0.21 18.72 -1.06
C HIS A 53 -1.14 18.35 -0.48
N VAL A 54 -1.39 18.79 0.74
CA VAL A 54 -2.60 18.42 1.46
C VAL A 54 -3.69 19.46 1.30
N ALA A 55 -3.66 20.15 0.16
CA ALA A 55 -4.65 21.17 -0.14
C ALA A 55 -5.17 21.00 -1.56
N THR A 56 -6.19 20.18 -1.72
CA THR A 56 -6.74 19.89 -3.03
C THR A 56 -8.22 20.29 -3.07
N ALA A 1 0.32 -14.13 0.65
CA ALA A 1 -0.03 -14.43 -0.76
C ALA A 1 -1.13 -15.48 -0.82
N THR A 2 -1.47 -15.90 -2.04
CA THR A 2 -2.51 -16.88 -2.27
C THR A 2 -3.86 -16.30 -1.83
N ALA A 3 -4.19 -15.16 -2.39
CA ALA A 3 -5.45 -14.49 -2.11
C ALA A 3 -6.06 -13.96 -3.40
N SER A 4 -7.37 -13.74 -3.40
CA SER A 4 -8.06 -13.20 -4.55
C SER A 4 -7.48 -11.84 -4.94
N PRO A 5 -7.31 -11.59 -6.25
CA PRO A 5 -6.72 -10.33 -6.77
C PRO A 5 -7.48 -9.08 -6.33
N GLN A 6 -8.63 -9.28 -5.71
CA GLN A 6 -9.41 -8.19 -5.13
C GLN A 6 -8.72 -7.67 -3.88
N LEU A 7 -7.91 -8.53 -3.28
CA LEU A 7 -7.02 -8.15 -2.18
C LEU A 7 -5.92 -7.26 -2.75
N SER A 8 -5.46 -7.61 -3.94
CA SER A 8 -4.50 -6.79 -4.67
C SER A 8 -5.14 -5.44 -5.02
N SER A 9 -6.46 -5.44 -5.12
CA SER A 9 -7.22 -4.22 -5.31
C SER A 9 -7.19 -3.35 -4.05
N GLU A 10 -7.10 -4.00 -2.88
CA GLU A 10 -6.97 -3.27 -1.61
C GLU A 10 -5.67 -2.47 -1.61
N ILE A 11 -4.64 -3.04 -2.25
CA ILE A 11 -3.39 -2.33 -2.48
C ILE A 11 -3.67 -1.03 -3.21
N GLU A 12 -4.46 -1.12 -4.27
CA GLU A 12 -4.80 0.04 -5.07
C GLU A 12 -5.49 1.10 -4.22
N ASN A 13 -6.13 0.67 -3.14
CA ASN A 13 -6.80 1.58 -2.22
C ASN A 13 -5.81 2.52 -1.53
N LEU A 14 -4.71 2.01 -0.98
CA LEU A 14 -3.72 2.91 -0.40
C LEU A 14 -2.78 3.46 -1.48
N MET A 15 -2.68 2.72 -2.57
CA MET A 15 -1.89 3.12 -3.74
C MET A 15 -2.34 4.47 -4.25
N SER A 16 -3.65 4.65 -4.34
CA SER A 16 -4.23 5.88 -4.88
C SER A 16 -4.01 7.07 -3.94
N GLN A 17 -3.41 6.82 -2.78
CA GLN A 17 -3.05 7.88 -1.87
C GLN A 17 -1.66 8.41 -2.20
N GLY A 18 -0.95 7.68 -3.04
CA GLY A 18 0.37 8.09 -3.46
C GLY A 18 1.45 7.16 -2.98
N TYR A 19 1.07 6.22 -2.12
CA TYR A 19 2.03 5.31 -1.52
C TYR A 19 2.73 4.46 -2.57
N SER A 20 3.90 3.96 -2.22
CA SER A 20 4.75 3.30 -3.20
C SER A 20 4.66 1.79 -3.09
N TYR A 21 4.42 1.17 -4.24
CA TYR A 21 4.17 -0.27 -4.34
C TYR A 21 5.34 -1.10 -3.84
N GLN A 22 6.54 -0.53 -3.89
CA GLN A 22 7.74 -1.21 -3.43
C GLN A 22 7.62 -1.56 -1.95
N ASP A 23 7.28 -0.59 -1.12
CA ASP A 23 7.09 -0.81 0.30
C ASP A 23 5.70 -1.37 0.59
N ILE A 24 4.77 -1.13 -0.32
CA ILE A 24 3.45 -1.72 -0.23
C ILE A 24 3.53 -3.25 -0.17
N GLN A 25 4.27 -3.82 -1.11
CA GLN A 25 4.50 -5.25 -1.14
C GLN A 25 5.22 -5.68 0.13
N LYS A 26 6.14 -4.83 0.55
CA LYS A 26 6.91 -5.02 1.78
C LYS A 26 5.98 -5.03 3.00
N ALA A 27 4.99 -4.16 2.99
CA ALA A 27 4.01 -4.12 4.07
C ALA A 27 3.18 -5.39 4.09
N LEU A 28 2.86 -5.90 2.91
CA LEU A 28 2.05 -7.10 2.78
C LEU A 28 2.75 -8.32 3.39
N VAL A 29 4.07 -8.39 3.25
CA VAL A 29 4.80 -9.54 3.75
C VAL A 29 4.82 -9.57 5.27
N ILE A 30 4.80 -8.40 5.89
CA ILE A 30 4.72 -8.33 7.34
C ILE A 30 3.25 -8.40 7.78
N ALA A 31 2.37 -7.95 6.89
CA ALA A 31 0.96 -7.87 7.20
C ALA A 31 0.19 -9.11 6.80
N GLN A 32 0.89 -10.19 6.44
CA GLN A 32 0.26 -11.41 5.92
C GLN A 32 -0.83 -11.07 4.91
N ASN A 33 -0.48 -10.17 3.99
CA ASN A 33 -1.38 -9.59 2.99
C ASN A 33 -2.71 -9.10 3.59
N ASN A 34 -2.61 -8.43 4.74
CA ASN A 34 -3.75 -7.74 5.32
C ASN A 34 -3.94 -6.39 4.68
N ILE A 35 -5.19 -6.08 4.38
CA ILE A 35 -5.55 -4.79 3.82
C ILE A 35 -5.19 -3.66 4.77
N GLU A 36 -5.58 -3.84 6.02
CA GLU A 36 -5.41 -2.83 7.03
C GLU A 36 -3.95 -2.69 7.45
N MET A 37 -3.31 -3.80 7.75
CA MET A 37 -1.96 -3.78 8.30
C MET A 37 -0.95 -3.26 7.27
N ALA A 38 -1.18 -3.58 6.00
CA ALA A 38 -0.31 -3.12 4.93
C ALA A 38 -0.34 -1.60 4.78
N LYS A 39 -1.54 -1.04 4.66
CA LYS A 39 -1.69 0.41 4.51
C LYS A 39 -1.15 1.13 5.74
N ASN A 40 -1.23 0.47 6.89
CA ASN A 40 -0.77 1.07 8.14
C ASN A 40 0.75 1.01 8.24
N ILE A 41 1.34 -0.07 7.76
CA ILE A 41 2.79 -0.20 7.76
C ILE A 41 3.41 0.84 6.84
N LEU A 42 2.77 1.11 5.70
CA LEU A 42 3.19 2.24 4.88
C LEU A 42 3.16 3.51 5.74
N ARG A 43 1.99 3.79 6.30
CA ARG A 43 1.79 4.93 7.20
C ARG A 43 2.90 5.02 8.28
N GLU A 44 3.28 3.87 8.82
CA GLU A 44 4.27 3.80 9.89
C GLU A 44 5.71 3.90 9.36
N PHE A 45 5.96 3.27 8.23
CA PHE A 45 7.31 3.12 7.69
C PHE A 45 7.60 4.11 6.57
N VAL A 46 6.96 3.87 5.44
CA VAL A 46 7.24 4.57 4.21
C VAL A 46 6.35 5.79 4.02
N SER A 47 6.94 6.89 3.62
CA SER A 47 6.20 8.13 3.50
C SER A 47 5.93 8.45 2.04
N ILE A 48 5.00 9.37 1.83
CA ILE A 48 4.65 9.80 0.48
C ILE A 48 5.38 11.09 0.13
N SER A 49 4.84 11.80 -0.87
CA SER A 49 5.52 12.94 -1.45
C SER A 49 6.83 12.46 -2.06
N SER A 50 6.76 11.29 -2.65
CA SER A 50 7.92 10.65 -3.28
C SER A 50 8.45 11.52 -4.42
N PRO A 51 9.77 11.77 -4.43
CA PRO A 51 10.41 12.67 -5.39
C PRO A 51 10.64 12.03 -6.75
N ALA A 52 11.13 12.84 -7.69
CA ALA A 52 11.47 12.38 -9.03
C ALA A 52 10.24 11.91 -9.82
N HIS A 53 9.88 10.66 -9.66
CA HIS A 53 8.85 10.05 -10.50
C HIS A 53 8.04 9.04 -9.70
N VAL A 54 6.73 9.15 -9.81
CA VAL A 54 5.82 8.22 -9.14
C VAL A 54 4.89 7.57 -10.16
N ALA A 55 4.37 8.39 -11.09
CA ALA A 55 3.49 7.91 -12.15
C ALA A 55 2.25 7.20 -11.60
N THR A 56 1.36 7.97 -11.01
CA THR A 56 0.10 7.44 -10.52
C THR A 56 -1.05 8.27 -11.08
N ALA A 1 -10.18 -18.92 -5.48
CA ALA A 1 -9.29 -18.10 -6.36
C ALA A 1 -8.10 -17.61 -5.55
N THR A 2 -6.90 -17.81 -6.10
CA THR A 2 -5.68 -17.42 -5.43
C THR A 2 -5.36 -15.95 -5.66
N ALA A 3 -5.56 -15.51 -6.89
CA ALA A 3 -5.30 -14.12 -7.25
C ALA A 3 -6.56 -13.28 -7.07
N SER A 4 -6.98 -13.11 -5.83
CA SER A 4 -8.20 -12.41 -5.52
C SER A 4 -8.12 -10.93 -5.91
N PRO A 5 -9.11 -10.47 -6.69
CA PRO A 5 -9.17 -9.09 -7.18
C PRO A 5 -9.38 -8.09 -6.06
N GLN A 6 -10.01 -8.53 -4.99
CA GLN A 6 -10.31 -7.65 -3.86
C GLN A 6 -9.05 -7.33 -3.10
N LEU A 7 -8.25 -8.36 -2.88
CA LEU A 7 -6.98 -8.23 -2.17
C LEU A 7 -6.09 -7.27 -2.94
N SER A 8 -6.00 -7.50 -4.24
CA SER A 8 -5.25 -6.61 -5.11
C SER A 8 -5.82 -5.19 -5.03
N SER A 9 -7.13 -5.10 -4.87
CA SER A 9 -7.80 -3.82 -4.72
C SER A 9 -7.40 -3.11 -3.42
N GLU A 10 -7.10 -3.89 -2.38
CA GLU A 10 -6.69 -3.31 -1.10
C GLU A 10 -5.40 -2.54 -1.31
N ILE A 11 -4.46 -3.16 -2.02
CA ILE A 11 -3.23 -2.51 -2.40
C ILE A 11 -3.49 -1.25 -3.21
N GLU A 12 -4.35 -1.38 -4.23
CA GLU A 12 -4.66 -0.25 -5.10
C GLU A 12 -5.30 0.88 -4.31
N ASN A 13 -5.96 0.54 -3.20
CA ASN A 13 -6.60 1.53 -2.36
C ASN A 13 -5.60 2.52 -1.77
N LEU A 14 -4.52 2.02 -1.15
CA LEU A 14 -3.54 2.95 -0.61
C LEU A 14 -2.59 3.43 -1.71
N MET A 15 -2.50 2.62 -2.77
CA MET A 15 -1.70 2.98 -3.96
C MET A 15 -2.16 4.30 -4.54
N SER A 16 -3.48 4.46 -4.66
CA SER A 16 -4.07 5.64 -5.25
C SER A 16 -3.94 6.85 -4.32
N GLN A 17 -3.38 6.62 -3.13
CA GLN A 17 -3.09 7.70 -2.21
C GLN A 17 -1.75 8.31 -2.55
N GLY A 18 -0.93 7.58 -3.30
CA GLY A 18 0.37 8.08 -3.72
C GLY A 18 1.52 7.28 -3.16
N TYR A 19 1.20 6.29 -2.33
CA TYR A 19 2.25 5.48 -1.69
C TYR A 19 3.03 4.67 -2.72
N SER A 20 4.14 4.07 -2.29
CA SER A 20 5.08 3.43 -3.20
C SER A 20 4.99 1.91 -3.13
N TYR A 21 4.89 1.30 -4.31
CA TYR A 21 4.62 -0.13 -4.45
C TYR A 21 5.71 -0.98 -3.81
N GLN A 22 6.94 -0.47 -3.82
CA GLN A 22 8.07 -1.19 -3.25
C GLN A 22 7.82 -1.53 -1.78
N ASP A 23 7.46 -0.52 -0.99
CA ASP A 23 7.20 -0.72 0.41
C ASP A 23 5.80 -1.27 0.63
N ILE A 24 4.91 -1.03 -0.34
CA ILE A 24 3.58 -1.61 -0.30
C ILE A 24 3.66 -3.13 -0.28
N GLN A 25 4.44 -3.70 -1.20
CA GLN A 25 4.64 -5.14 -1.24
C GLN A 25 5.38 -5.60 0.01
N LYS A 26 6.28 -4.74 0.48
CA LYS A 26 6.99 -4.96 1.73
C LYS A 26 6.02 -5.06 2.91
N ALA A 27 5.07 -4.13 2.96
CA ALA A 27 4.06 -4.12 3.99
C ALA A 27 3.25 -5.41 3.99
N LEU A 28 2.98 -5.93 2.80
CA LEU A 28 2.19 -7.14 2.67
C LEU A 28 2.88 -8.35 3.29
N VAL A 29 4.19 -8.42 3.17
CA VAL A 29 4.93 -9.58 3.68
C VAL A 29 4.93 -9.60 5.20
N ILE A 30 4.88 -8.42 5.83
CA ILE A 30 4.81 -8.35 7.26
C ILE A 30 3.34 -8.42 7.70
N ALA A 31 2.46 -7.97 6.81
CA ALA A 31 1.05 -7.91 7.12
C ALA A 31 0.31 -9.15 6.66
N GLN A 32 1.05 -10.21 6.29
CA GLN A 32 0.45 -11.44 5.72
C GLN A 32 -0.65 -11.07 4.71
N ASN A 33 -0.30 -10.14 3.82
CA ASN A 33 -1.19 -9.56 2.81
C ASN A 33 -2.55 -9.12 3.39
N ASN A 34 -2.52 -8.53 4.57
CA ASN A 34 -3.70 -7.89 5.16
C ASN A 34 -3.97 -6.57 4.46
N ILE A 35 -5.24 -6.19 4.39
CA ILE A 35 -5.62 -4.90 3.87
C ILE A 35 -5.11 -3.78 4.77
N GLU A 36 -5.55 -3.81 6.02
CA GLU A 36 -5.27 -2.74 6.96
C GLU A 36 -3.81 -2.74 7.39
N MET A 37 -3.27 -3.90 7.73
CA MET A 37 -1.94 -3.94 8.31
C MET A 37 -0.89 -3.46 7.30
N ALA A 38 -1.12 -3.73 6.03
CA ALA A 38 -0.23 -3.28 4.98
C ALA A 38 -0.27 -1.76 4.81
N LYS A 39 -1.47 -1.22 4.65
CA LYS A 39 -1.62 0.23 4.50
C LYS A 39 -1.17 0.95 5.76
N ASN A 40 -1.33 0.28 6.90
CA ASN A 40 -0.95 0.85 8.18
C ASN A 40 0.57 0.84 8.34
N ILE A 41 1.22 -0.20 7.83
CA ILE A 41 2.66 -0.26 7.84
C ILE A 41 3.25 0.83 6.98
N LEU A 42 2.62 1.13 5.84
CA LEU A 42 3.03 2.29 5.06
C LEU A 42 2.89 3.54 5.93
N ARG A 43 1.69 3.73 6.47
CA ARG A 43 1.40 4.88 7.33
C ARG A 43 2.40 4.99 8.48
N GLU A 44 2.77 3.85 9.06
CA GLU A 44 3.76 3.80 10.14
C GLU A 44 5.17 4.03 9.63
N PHE A 45 5.49 3.39 8.51
CA PHE A 45 6.85 3.37 7.97
C PHE A 45 7.04 4.36 6.83
N VAL A 46 6.61 3.96 5.65
CA VAL A 46 6.84 4.70 4.42
C VAL A 46 5.70 5.68 4.11
N SER A 47 6.04 6.94 4.00
CA SER A 47 5.05 7.97 3.78
C SER A 47 5.21 8.58 2.40
N ILE A 48 4.22 9.36 1.99
CA ILE A 48 4.20 9.93 0.67
C ILE A 48 4.96 11.26 0.63
N SER A 49 5.92 11.34 -0.28
CA SER A 49 6.73 12.55 -0.44
C SER A 49 6.25 13.35 -1.64
N SER A 50 5.08 13.03 -2.14
CA SER A 50 4.52 13.68 -3.30
C SER A 50 3.39 14.63 -2.88
N PRO A 51 2.88 15.48 -3.79
CA PRO A 51 1.73 16.34 -3.52
C PRO A 51 0.56 15.55 -2.90
N ALA A 52 0.19 14.47 -3.56
CA ALA A 52 -0.86 13.57 -3.09
C ALA A 52 -2.17 14.31 -2.84
N HIS A 53 -3.00 13.74 -1.97
CA HIS A 53 -4.30 14.32 -1.61
C HIS A 53 -5.27 14.24 -2.78
N VAL A 54 -5.03 13.27 -3.65
CA VAL A 54 -5.87 13.05 -4.81
C VAL A 54 -7.00 12.09 -4.45
N ALA A 55 -7.83 12.52 -3.53
CA ALA A 55 -8.96 11.72 -3.08
C ALA A 55 -10.26 12.27 -3.64
N THR A 56 -10.31 12.37 -4.96
CA THR A 56 -11.46 12.92 -5.65
C THR A 56 -11.58 12.32 -7.04
N ALA A 1 -3.59 -15.40 0.17
CA ALA A 1 -4.38 -14.76 -0.90
C ALA A 1 -4.44 -15.65 -2.14
N THR A 2 -5.64 -16.14 -2.45
CA THR A 2 -5.83 -17.04 -3.58
C THR A 2 -5.89 -16.28 -4.91
N ALA A 3 -4.88 -15.43 -5.16
CA ALA A 3 -4.78 -14.65 -6.39
C ALA A 3 -6.01 -13.76 -6.60
N SER A 4 -6.69 -13.46 -5.51
CA SER A 4 -7.90 -12.66 -5.55
C SER A 4 -7.60 -11.22 -5.92
N PRO A 5 -8.29 -10.68 -6.94
CA PRO A 5 -8.13 -9.30 -7.38
C PRO A 5 -8.57 -8.32 -6.30
N GLN A 6 -9.38 -8.81 -5.37
CA GLN A 6 -9.91 -8.00 -4.28
C GLN A 6 -8.79 -7.65 -3.30
N LEU A 7 -7.88 -8.58 -3.13
CA LEU A 7 -6.71 -8.37 -2.28
C LEU A 7 -5.82 -7.35 -2.96
N SER A 8 -5.67 -7.49 -4.26
CA SER A 8 -4.91 -6.54 -5.06
C SER A 8 -5.57 -5.17 -5.01
N SER A 9 -6.88 -5.17 -4.83
CA SER A 9 -7.66 -3.95 -4.68
C SER A 9 -7.33 -3.24 -3.37
N GLU A 10 -6.98 -4.00 -2.34
CA GLU A 10 -6.58 -3.42 -1.06
C GLU A 10 -5.35 -2.56 -1.25
N ILE A 11 -4.37 -3.11 -1.98
CA ILE A 11 -3.19 -2.35 -2.38
C ILE A 11 -3.60 -1.08 -3.10
N GLU A 12 -4.45 -1.22 -4.11
CA GLU A 12 -4.89 -0.08 -4.91
C GLU A 12 -5.57 0.98 -4.04
N ASN A 13 -6.14 0.55 -2.92
CA ASN A 13 -6.82 1.46 -2.01
C ASN A 13 -5.86 2.50 -1.44
N LEU A 14 -4.72 2.05 -0.88
CA LEU A 14 -3.76 3.03 -0.37
C LEU A 14 -2.89 3.56 -1.51
N MET A 15 -2.80 2.79 -2.58
CA MET A 15 -2.08 3.18 -3.78
C MET A 15 -2.62 4.50 -4.33
N SER A 16 -3.91 4.72 -4.15
CA SER A 16 -4.57 5.92 -4.64
C SER A 16 -3.93 7.17 -4.04
N GLN A 17 -3.28 7.01 -2.90
CA GLN A 17 -2.64 8.12 -2.22
C GLN A 17 -1.31 8.47 -2.85
N GLY A 18 -0.73 7.53 -3.58
CA GLY A 18 0.54 7.78 -4.23
C GLY A 18 1.67 6.93 -3.68
N TYR A 19 1.34 6.07 -2.72
CA TYR A 19 2.33 5.23 -2.04
C TYR A 19 3.12 4.36 -3.02
N SER A 20 4.21 3.78 -2.54
CA SER A 20 5.14 3.05 -3.39
C SER A 20 4.92 1.55 -3.34
N TYR A 21 4.93 0.92 -4.51
CA TYR A 21 4.70 -0.52 -4.63
C TYR A 21 5.78 -1.31 -3.92
N GLN A 22 7.00 -0.77 -3.88
CA GLN A 22 8.11 -1.46 -3.23
C GLN A 22 7.83 -1.66 -1.76
N ASP A 23 7.41 -0.58 -1.11
CA ASP A 23 7.15 -0.58 0.31
C ASP A 23 5.75 -1.14 0.59
N ILE A 24 4.84 -0.96 -0.36
CA ILE A 24 3.53 -1.56 -0.30
C ILE A 24 3.65 -3.07 -0.18
N GLN A 25 4.46 -3.66 -1.04
CA GLN A 25 4.73 -5.09 -0.98
C GLN A 25 5.39 -5.43 0.34
N LYS A 26 6.31 -4.56 0.77
CA LYS A 26 7.00 -4.72 2.04
C LYS A 26 5.99 -4.83 3.17
N ALA A 27 4.97 -3.99 3.11
CA ALA A 27 3.91 -3.99 4.10
C ALA A 27 3.14 -5.30 4.06
N LEU A 28 2.87 -5.78 2.86
CA LEU A 28 2.12 -7.01 2.68
C LEU A 28 2.84 -8.20 3.28
N VAL A 29 4.15 -8.26 3.10
CA VAL A 29 4.94 -9.40 3.58
C VAL A 29 4.91 -9.49 5.10
N ILE A 30 4.81 -8.35 5.78
CA ILE A 30 4.68 -8.35 7.22
C ILE A 30 3.21 -8.48 7.61
N ALA A 31 2.35 -7.93 6.77
CA ALA A 31 0.93 -7.93 7.04
C ALA A 31 0.25 -9.19 6.57
N GLN A 32 1.06 -10.18 6.16
CA GLN A 32 0.55 -11.44 5.58
C GLN A 32 -0.55 -11.17 4.56
N ASN A 33 -0.33 -10.11 3.76
CA ASN A 33 -1.28 -9.66 2.75
C ASN A 33 -2.61 -9.23 3.37
N ASN A 34 -2.53 -8.31 4.32
CA ASN A 34 -3.74 -7.74 4.94
C ASN A 34 -4.02 -6.36 4.38
N ILE A 35 -5.29 -6.02 4.25
CA ILE A 35 -5.68 -4.69 3.80
C ILE A 35 -5.22 -3.62 4.79
N GLU A 36 -5.67 -3.74 6.04
CA GLU A 36 -5.39 -2.76 7.06
C GLU A 36 -3.91 -2.74 7.43
N MET A 37 -3.37 -3.91 7.72
CA MET A 37 -2.03 -3.98 8.30
C MET A 37 -0.98 -3.48 7.32
N ALA A 38 -1.23 -3.66 6.03
CA ALA A 38 -0.33 -3.18 5.00
C ALA A 38 -0.36 -1.66 4.88
N LYS A 39 -1.55 -1.10 4.73
CA LYS A 39 -1.69 0.35 4.62
C LYS A 39 -1.23 1.03 5.90
N ASN A 40 -1.38 0.31 7.02
CA ASN A 40 -0.96 0.83 8.31
C ASN A 40 0.55 0.76 8.46
N ILE A 41 1.18 -0.23 7.83
CA ILE A 41 2.63 -0.29 7.82
C ILE A 41 3.22 0.81 6.95
N LEU A 42 2.59 1.11 5.83
CA LEU A 42 2.99 2.29 5.06
C LEU A 42 2.82 3.52 5.94
N ARG A 43 1.65 3.61 6.56
CA ARG A 43 1.35 4.66 7.53
C ARG A 43 2.49 4.85 8.54
N GLU A 44 2.93 3.74 9.09
CA GLU A 44 4.01 3.70 10.07
C GLU A 44 5.39 3.94 9.46
N PHE A 45 5.64 3.29 8.33
CA PHE A 45 6.97 3.26 7.74
C PHE A 45 7.15 4.29 6.63
N VAL A 46 6.54 3.99 5.48
CA VAL A 46 6.77 4.73 4.26
C VAL A 46 5.67 5.74 3.96
N SER A 47 6.08 6.97 3.77
CA SER A 47 5.16 8.01 3.38
C SER A 47 5.24 8.24 1.88
N ILE A 48 4.44 9.14 1.37
CA ILE A 48 4.38 9.38 -0.06
C ILE A 48 5.47 10.35 -0.45
N SER A 49 6.65 9.81 -0.59
CA SER A 49 7.86 10.60 -0.82
C SER A 49 8.09 10.83 -2.31
N SER A 50 7.05 11.21 -3.03
CA SER A 50 7.21 11.56 -4.44
C SER A 50 7.08 13.07 -4.59
N PRO A 51 8.09 13.71 -5.21
CA PRO A 51 8.10 15.14 -5.44
C PRO A 51 7.69 15.51 -6.86
N ALA A 52 7.41 14.50 -7.68
CA ALA A 52 7.13 14.70 -9.10
C ALA A 52 8.32 15.36 -9.79
N HIS A 53 8.14 15.85 -11.01
CA HIS A 53 9.21 16.52 -11.72
C HIS A 53 8.65 17.38 -12.86
N VAL A 54 7.65 18.18 -12.53
CA VAL A 54 7.06 19.10 -13.50
C VAL A 54 6.86 20.49 -12.89
N ALA A 55 7.49 20.70 -11.74
CA ALA A 55 7.40 21.96 -11.00
C ALA A 55 5.97 22.26 -10.57
N THR A 56 5.13 21.22 -10.52
CA THR A 56 3.74 21.37 -10.12
C THR A 56 3.18 20.04 -9.60
N ALA A 1 -7.53 -17.57 -10.46
CA ALA A 1 -6.77 -18.70 -9.90
C ALA A 1 -5.73 -18.23 -8.90
N THR A 2 -4.63 -17.68 -9.39
CA THR A 2 -3.53 -17.27 -8.52
C THR A 2 -3.80 -15.90 -7.92
N ALA A 3 -3.62 -15.82 -6.60
CA ALA A 3 -3.78 -14.56 -5.85
C ALA A 3 -5.23 -14.08 -5.90
N SER A 4 -5.51 -13.02 -5.16
CA SER A 4 -6.83 -12.45 -5.17
C SER A 4 -6.80 -11.05 -5.78
N PRO A 5 -7.64 -10.82 -6.80
CA PRO A 5 -7.77 -9.50 -7.44
C PRO A 5 -8.40 -8.50 -6.49
N GLN A 6 -9.15 -9.01 -5.52
CA GLN A 6 -9.83 -8.17 -4.54
C GLN A 6 -8.85 -7.77 -3.45
N LEU A 7 -7.96 -8.69 -3.13
CA LEU A 7 -6.88 -8.43 -2.20
C LEU A 7 -5.91 -7.44 -2.84
N SER A 8 -5.63 -7.66 -4.12
CA SER A 8 -4.80 -6.75 -4.88
C SER A 8 -5.44 -5.35 -4.90
N SER A 9 -6.77 -5.33 -4.90
CA SER A 9 -7.54 -4.10 -4.85
C SER A 9 -7.33 -3.34 -3.54
N GLU A 10 -7.07 -4.08 -2.46
CA GLU A 10 -6.78 -3.45 -1.18
C GLU A 10 -5.53 -2.60 -1.31
N ILE A 11 -4.51 -3.16 -1.95
CA ILE A 11 -3.30 -2.43 -2.29
C ILE A 11 -3.64 -1.20 -3.12
N GLU A 12 -4.49 -1.40 -4.11
CA GLU A 12 -4.91 -0.30 -4.99
C GLU A 12 -5.57 0.82 -4.19
N ASN A 13 -6.16 0.48 -3.04
CA ASN A 13 -6.81 1.47 -2.18
C ASN A 13 -5.81 2.48 -1.64
N LEU A 14 -4.70 2.02 -1.06
CA LEU A 14 -3.71 2.97 -0.54
C LEU A 14 -2.85 3.50 -1.67
N MET A 15 -2.78 2.71 -2.75
CA MET A 15 -2.04 3.09 -3.95
C MET A 15 -2.56 4.40 -4.53
N SER A 16 -3.86 4.61 -4.43
CA SER A 16 -4.49 5.79 -4.99
C SER A 16 -4.18 7.02 -4.15
N GLN A 17 -3.39 6.83 -3.09
CA GLN A 17 -2.97 7.95 -2.26
C GLN A 17 -1.62 8.48 -2.72
N GLY A 18 -0.90 7.67 -3.49
CA GLY A 18 0.40 8.08 -3.98
C GLY A 18 1.53 7.26 -3.40
N TYR A 19 1.19 6.28 -2.56
CA TYR A 19 2.19 5.48 -1.88
C TYR A 19 3.02 4.64 -2.86
N SER A 20 4.12 4.08 -2.36
CA SER A 20 5.09 3.41 -3.21
C SER A 20 4.93 1.90 -3.13
N TYR A 21 4.86 1.28 -4.30
CA TYR A 21 4.54 -0.14 -4.44
C TYR A 21 5.59 -1.04 -3.77
N GLN A 22 6.84 -0.60 -3.74
CA GLN A 22 7.90 -1.41 -3.17
C GLN A 22 7.67 -1.63 -1.68
N ASP A 23 7.41 -0.55 -0.97
CA ASP A 23 7.12 -0.61 0.44
C ASP A 23 5.73 -1.18 0.69
N ILE A 24 4.82 -0.94 -0.25
CA ILE A 24 3.49 -1.53 -0.21
C ILE A 24 3.60 -3.06 -0.15
N GLN A 25 4.42 -3.60 -1.04
CA GLN A 25 4.64 -5.04 -1.09
C GLN A 25 5.32 -5.48 0.21
N LYS A 26 6.22 -4.64 0.70
CA LYS A 26 6.91 -4.87 1.96
C LYS A 26 5.90 -4.95 3.11
N ALA A 27 4.94 -4.05 3.08
CA ALA A 27 3.88 -4.02 4.08
C ALA A 27 3.06 -5.30 4.04
N LEU A 28 2.86 -5.83 2.86
CA LEU A 28 2.08 -7.05 2.69
C LEU A 28 2.77 -8.24 3.34
N VAL A 29 4.09 -8.34 3.22
CA VAL A 29 4.81 -9.49 3.74
C VAL A 29 4.75 -9.55 5.26
N ILE A 30 4.67 -8.39 5.90
CA ILE A 30 4.55 -8.34 7.34
C ILE A 30 3.08 -8.44 7.73
N ALA A 31 2.22 -8.00 6.82
CA ALA A 31 0.79 -7.97 7.07
C ALA A 31 0.08 -9.23 6.60
N GLN A 32 0.86 -10.25 6.24
CA GLN A 32 0.33 -11.50 5.65
C GLN A 32 -0.70 -11.20 4.54
N ASN A 33 -0.40 -10.16 3.77
CA ASN A 33 -1.27 -9.66 2.70
C ASN A 33 -2.61 -9.16 3.25
N ASN A 34 -2.56 -8.35 4.28
CA ASN A 34 -3.75 -7.69 4.80
C ASN A 34 -3.90 -6.31 4.19
N ILE A 35 -5.14 -5.86 4.07
CA ILE A 35 -5.43 -4.52 3.60
C ILE A 35 -5.02 -3.48 4.64
N GLU A 36 -5.54 -3.67 5.84
CA GLU A 36 -5.38 -2.69 6.91
C GLU A 36 -3.95 -2.67 7.43
N MET A 37 -3.38 -3.83 7.68
CA MET A 37 -2.06 -3.91 8.28
C MET A 37 -0.99 -3.39 7.32
N ALA A 38 -1.23 -3.56 6.04
CA ALA A 38 -0.30 -3.06 5.02
C ALA A 38 -0.33 -1.54 4.93
N LYS A 39 -1.53 -0.98 4.78
CA LYS A 39 -1.67 0.46 4.70
C LYS A 39 -1.16 1.13 5.98
N ASN A 40 -1.26 0.41 7.09
CA ASN A 40 -0.81 0.94 8.38
C ASN A 40 0.71 0.86 8.48
N ILE A 41 1.31 -0.18 7.90
CA ILE A 41 2.75 -0.30 7.88
C ILE A 41 3.36 0.78 7.00
N LEU A 42 2.72 1.12 5.89
CA LEU A 42 3.16 2.28 5.14
C LEU A 42 3.09 3.51 6.05
N ARG A 43 1.95 3.69 6.70
CA ARG A 43 1.74 4.80 7.63
C ARG A 43 2.84 4.83 8.72
N GLU A 44 3.39 3.67 9.03
CA GLU A 44 4.46 3.57 10.03
C GLU A 44 5.84 3.72 9.41
N PHE A 45 6.01 3.11 8.26
CA PHE A 45 7.29 3.07 7.56
C PHE A 45 7.41 4.19 6.52
N VAL A 46 6.71 3.99 5.42
CA VAL A 46 6.87 4.83 4.24
C VAL A 46 5.74 5.86 4.09
N SER A 47 6.13 7.11 3.94
CA SER A 47 5.16 8.17 3.73
C SER A 47 5.21 8.58 2.28
N ILE A 48 4.26 9.41 1.86
CA ILE A 48 4.23 9.85 0.48
C ILE A 48 5.10 11.07 0.31
N SER A 49 6.37 10.82 0.13
CA SER A 49 7.37 11.86 0.01
C SER A 49 7.84 11.94 -1.43
N SER A 50 6.94 11.68 -2.36
CA SER A 50 7.23 11.80 -3.76
C SER A 50 7.08 13.26 -4.18
N PRO A 51 7.94 13.75 -5.09
CA PRO A 51 7.94 15.15 -5.53
C PRO A 51 6.73 15.47 -6.42
N ALA A 52 5.54 15.29 -5.89
CA ALA A 52 4.33 15.60 -6.62
C ALA A 52 3.99 17.08 -6.50
N HIS A 53 4.60 17.73 -5.50
CA HIS A 53 4.44 19.16 -5.21
C HIS A 53 3.01 19.65 -5.49
N VAL A 54 2.10 19.30 -4.59
CA VAL A 54 0.71 19.68 -4.75
C VAL A 54 0.47 21.09 -4.23
N ALA A 55 -0.15 21.90 -5.06
CA ALA A 55 -0.40 23.29 -4.72
C ALA A 55 -1.90 23.54 -4.55
N THR A 56 -2.30 23.90 -3.32
CA THR A 56 -3.69 24.19 -3.02
C THR A 56 -3.76 25.06 -1.77
N ALA A 1 -0.99 -14.37 0.41
CA ALA A 1 -1.42 -14.10 -0.98
C ALA A 1 -2.64 -14.95 -1.32
N THR A 2 -3.49 -14.44 -2.20
CA THR A 2 -4.71 -15.16 -2.57
C THR A 2 -5.06 -14.92 -4.04
N ALA A 3 -4.35 -13.98 -4.67
CA ALA A 3 -4.45 -13.72 -6.11
C ALA A 3 -5.83 -13.23 -6.56
N SER A 4 -6.66 -12.84 -5.62
CA SER A 4 -7.97 -12.30 -5.95
C SER A 4 -7.85 -10.80 -6.24
N PRO A 5 -8.60 -10.33 -7.25
CA PRO A 5 -8.56 -8.94 -7.70
C PRO A 5 -8.97 -7.95 -6.61
N GLN A 6 -9.78 -8.42 -5.67
CA GLN A 6 -10.22 -7.59 -4.55
C GLN A 6 -9.10 -7.41 -3.53
N LEU A 7 -8.35 -8.46 -3.33
CA LEU A 7 -7.16 -8.40 -2.49
C LEU A 7 -6.17 -7.41 -3.11
N SER A 8 -5.97 -7.55 -4.42
CA SER A 8 -5.15 -6.63 -5.16
C SER A 8 -5.71 -5.20 -5.03
N SER A 9 -7.03 -5.11 -4.97
CA SER A 9 -7.73 -3.84 -4.79
C SER A 9 -7.39 -3.20 -3.44
N GLU A 10 -7.12 -4.03 -2.44
CA GLU A 10 -6.73 -3.51 -1.13
C GLU A 10 -5.42 -2.72 -1.27
N ILE A 11 -4.46 -3.34 -1.95
CA ILE A 11 -3.21 -2.68 -2.30
C ILE A 11 -3.48 -1.40 -3.07
N GLU A 12 -4.34 -1.51 -4.09
CA GLU A 12 -4.68 -0.37 -4.92
C GLU A 12 -5.32 0.75 -4.09
N ASN A 13 -5.94 0.38 -2.98
CA ASN A 13 -6.57 1.35 -2.09
C ASN A 13 -5.56 2.34 -1.53
N LEU A 14 -4.45 1.84 -0.96
CA LEU A 14 -3.44 2.76 -0.44
C LEU A 14 -2.51 3.23 -1.55
N MET A 15 -2.43 2.44 -2.62
CA MET A 15 -1.70 2.81 -3.82
C MET A 15 -2.23 4.12 -4.40
N SER A 16 -3.55 4.20 -4.46
CA SER A 16 -4.23 5.37 -5.01
C SER A 16 -4.00 6.60 -4.14
N GLN A 17 -3.48 6.38 -2.93
CA GLN A 17 -3.18 7.47 -2.02
C GLN A 17 -1.85 8.11 -2.39
N GLY A 18 -1.07 7.40 -3.20
CA GLY A 18 0.19 7.93 -3.67
C GLY A 18 1.38 7.17 -3.13
N TYR A 19 1.13 6.19 -2.28
CA TYR A 19 2.20 5.43 -1.65
C TYR A 19 3.01 4.64 -2.68
N SER A 20 4.13 4.06 -2.25
CA SER A 20 5.06 3.45 -3.18
C SER A 20 5.01 1.93 -3.11
N TYR A 21 4.87 1.34 -4.30
CA TYR A 21 4.66 -0.10 -4.48
C TYR A 21 5.75 -0.94 -3.82
N GLN A 22 6.97 -0.43 -3.81
CA GLN A 22 8.11 -1.17 -3.26
C GLN A 22 7.89 -1.50 -1.78
N ASP A 23 7.52 -0.49 -1.01
CA ASP A 23 7.27 -0.67 0.40
C ASP A 23 5.86 -1.20 0.64
N ILE A 24 4.97 -0.96 -0.32
CA ILE A 24 3.62 -1.51 -0.27
C ILE A 24 3.68 -3.03 -0.22
N GLN A 25 4.43 -3.62 -1.13
CA GLN A 25 4.62 -5.06 -1.16
C GLN A 25 5.30 -5.50 0.14
N LYS A 26 6.21 -4.66 0.63
CA LYS A 26 6.90 -4.91 1.88
C LYS A 26 5.91 -4.96 3.03
N ALA A 27 4.97 -4.04 3.03
CA ALA A 27 3.91 -4.00 4.03
C ALA A 27 3.11 -5.29 4.02
N LEU A 28 2.82 -5.80 2.84
CA LEU A 28 2.04 -7.02 2.69
C LEU A 28 2.73 -8.22 3.31
N VAL A 29 4.05 -8.31 3.16
CA VAL A 29 4.80 -9.46 3.66
C VAL A 29 4.78 -9.52 5.18
N ILE A 30 4.72 -8.37 5.84
CA ILE A 30 4.58 -8.34 7.28
C ILE A 30 3.11 -8.43 7.66
N ALA A 31 2.28 -8.00 6.73
CA ALA A 31 0.85 -7.93 6.94
C ALA A 31 0.14 -9.22 6.61
N GLN A 32 0.91 -10.26 6.25
CA GLN A 32 0.36 -11.52 5.73
C GLN A 32 -0.75 -11.22 4.70
N ASN A 33 -0.47 -10.20 3.89
CA ASN A 33 -1.40 -9.70 2.86
C ASN A 33 -2.71 -9.17 3.48
N ASN A 34 -2.60 -8.49 4.62
CA ASN A 34 -3.75 -7.81 5.21
C ASN A 34 -3.95 -6.46 4.57
N ILE A 35 -5.20 -6.11 4.35
CA ILE A 35 -5.56 -4.82 3.83
C ILE A 35 -5.06 -3.69 4.73
N GLU A 36 -5.43 -3.76 5.99
CA GLU A 36 -5.13 -2.71 6.95
C GLU A 36 -3.65 -2.70 7.33
N MET A 37 -3.05 -3.87 7.56
CA MET A 37 -1.68 -3.92 8.02
C MET A 37 -0.75 -3.28 6.99
N ALA A 38 -1.08 -3.43 5.72
CA ALA A 38 -0.29 -2.88 4.65
C ALA A 38 -0.39 -1.35 4.60
N LYS A 39 -1.63 -0.86 4.58
CA LYS A 39 -1.88 0.57 4.58
C LYS A 39 -1.35 1.21 5.87
N ASN A 40 -1.35 0.44 6.94
CA ASN A 40 -0.91 0.94 8.24
C ASN A 40 0.62 0.94 8.35
N ILE A 41 1.25 -0.09 7.81
CA ILE A 41 2.71 -0.16 7.84
C ILE A 41 3.33 0.94 6.99
N LEU A 42 2.73 1.26 5.86
CA LEU A 42 3.19 2.41 5.09
C LEU A 42 3.03 3.66 5.95
N ARG A 43 1.86 3.78 6.58
CA ARG A 43 1.58 4.89 7.50
C ARG A 43 2.65 4.99 8.60
N GLU A 44 3.16 3.85 9.04
CA GLU A 44 4.17 3.79 10.09
C GLU A 44 5.59 3.96 9.54
N PHE A 45 5.80 3.48 8.33
CA PHE A 45 7.14 3.40 7.74
C PHE A 45 7.35 4.41 6.63
N VAL A 46 6.78 4.12 5.48
CA VAL A 46 7.03 4.86 4.26
C VAL A 46 5.93 5.89 3.97
N SER A 47 6.34 7.13 3.77
CA SER A 47 5.39 8.20 3.54
C SER A 47 5.29 8.52 2.05
N ILE A 48 4.39 9.43 1.71
CA ILE A 48 4.15 9.77 0.33
C ILE A 48 5.02 10.96 -0.09
N SER A 49 4.55 11.69 -1.11
CA SER A 49 5.31 12.79 -1.70
C SER A 49 6.62 12.28 -2.28
N SER A 50 6.53 11.19 -3.03
CA SER A 50 7.70 10.62 -3.70
C SER A 50 7.96 11.35 -5.01
N PRO A 51 9.21 11.80 -5.22
CA PRO A 51 9.58 12.58 -6.39
C PRO A 51 9.94 11.70 -7.60
N ALA A 52 11.20 11.30 -7.67
CA ALA A 52 11.68 10.50 -8.80
C ALA A 52 12.84 9.63 -8.36
N HIS A 53 13.07 8.56 -9.13
CA HIS A 53 14.17 7.62 -8.86
C HIS A 53 14.05 7.09 -7.44
N VAL A 54 12.90 6.52 -7.13
CA VAL A 54 12.56 6.14 -5.76
C VAL A 54 13.06 4.75 -5.39
N ALA A 55 13.69 4.06 -6.33
CA ALA A 55 14.24 2.75 -6.05
C ALA A 55 15.66 2.88 -5.49
N THR A 56 16.61 3.20 -6.36
CA THR A 56 17.99 3.36 -5.96
C THR A 56 18.76 4.13 -7.03
#